data_1WA3
#
_entry.id   1WA3
#
_cell.length_a   42.600
_cell.length_b   101.100
_cell.length_c   124.600
_cell.angle_alpha   90.00
_cell.angle_beta   97.20
_cell.angle_gamma   90.00
#
_symmetry.space_group_name_H-M   'P 1 21 1'
#
loop_
_entity.id
_entity.type
_entity.pdbx_description
1 polymer '2-KETO-3-DEOXY-6-PHOSPHOGLUCONATE ALDOLASE'
2 non-polymer 'PYRUVIC ACID'
3 non-polymer 'SULFATE ION'
4 water water
#
_entity_poly.entity_id   1
_entity_poly.type   'polypeptide(L)'
_entity_poly.pdbx_seq_one_letter_code
;MKMEELFKKHKIVAVLRANSVEEAKEKALAVFEGGVHLIEITFTVPDADTVIKELSFLKEKGAIIGAGTVTSVEQCRKAV
ESGAEFIVSPHLDEEISQFCKEKGVFYMPGVMTPTELVKAMKLGHTILKLFPGEVVGPQFVKAMKGPFPNVKFVPTGGVN
LDNVCEWFKAGVLAVGVGSALVKGTPDEVREKAKAFVEKIRGCTE
;
_entity_poly.pdbx_strand_id   A,B,C,D,E,F
#
# COMPACT_ATOMS: atom_id res chain seq x y z
N LYS A 2 -60.79 -44.35 13.25
CA LYS A 2 -60.88 -44.98 11.91
C LYS A 2 -59.55 -44.79 11.19
N MET A 3 -59.12 -43.53 11.06
CA MET A 3 -57.92 -43.19 10.27
C MET A 3 -56.61 -43.71 10.81
N GLU A 4 -56.41 -43.62 12.12
CA GLU A 4 -55.21 -44.15 12.76
C GLU A 4 -54.92 -45.60 12.33
N GLU A 5 -55.94 -46.45 12.46
CA GLU A 5 -55.84 -47.85 12.09
C GLU A 5 -55.47 -48.01 10.62
N LEU A 6 -56.02 -47.12 9.78
CA LEU A 6 -55.76 -47.21 8.33
C LEU A 6 -54.30 -46.89 7.99
N PHE A 7 -53.76 -45.87 8.66
CA PHE A 7 -52.38 -45.49 8.41
C PHE A 7 -51.53 -46.61 8.95
N LYS A 8 -51.93 -47.18 10.09
CA LYS A 8 -51.16 -48.28 10.67
C LYS A 8 -51.11 -49.47 9.74
N LYS A 9 -52.22 -49.73 9.07
CA LYS A 9 -52.40 -50.90 8.22
C LYS A 9 -51.62 -50.76 6.92
N HIS A 10 -51.79 -49.62 6.24
CA HIS A 10 -51.25 -49.39 4.90
C HIS A 10 -49.82 -48.84 4.89
N LYS A 11 -49.46 -48.03 5.89
CA LYS A 11 -48.08 -47.60 6.10
C LYS A 11 -47.50 -46.63 5.09
N ILE A 12 -48.31 -46.22 4.12
CA ILE A 12 -47.84 -45.26 3.13
C ILE A 12 -49.00 -44.40 2.66
N VAL A 13 -48.76 -43.10 2.49
CA VAL A 13 -49.72 -42.19 1.86
C VAL A 13 -49.02 -41.58 0.66
N ALA A 14 -49.68 -41.56 -0.51
CA ALA A 14 -49.18 -40.89 -1.70
C ALA A 14 -49.52 -39.41 -1.57
N VAL A 15 -48.51 -38.56 -1.67
CA VAL A 15 -48.69 -37.12 -1.56
C VAL A 15 -48.78 -36.61 -3.00
N LEU A 16 -49.99 -36.32 -3.45
CA LEU A 16 -50.24 -36.12 -4.86
C LEU A 16 -50.18 -34.64 -5.21
N ARG A 17 -49.12 -34.27 -5.93
CA ARG A 17 -48.98 -32.94 -6.53
C ARG A 17 -49.05 -33.09 -8.06
N ALA A 18 -49.71 -32.14 -8.74
CA ALA A 18 -49.92 -32.24 -10.17
C ALA A 18 -50.30 -30.87 -10.64
N ASN A 19 -50.28 -30.67 -11.96
CA ASN A 19 -50.52 -29.34 -12.52
C ASN A 19 -51.91 -29.19 -13.11
N SER A 20 -52.69 -30.27 -13.13
CA SER A 20 -54.05 -30.18 -13.62
C SER A 20 -54.88 -31.21 -12.95
N VAL A 21 -56.18 -30.99 -13.02
CA VAL A 21 -57.18 -31.92 -12.51
C VAL A 21 -57.01 -33.26 -13.19
N GLU A 22 -56.75 -33.23 -14.52
CA GLU A 22 -56.70 -34.45 -15.33
C GLU A 22 -55.47 -35.28 -14.92
N GLU A 23 -54.33 -34.61 -14.78
CA GLU A 23 -53.10 -35.24 -14.34
C GLU A 23 -53.23 -35.84 -12.92
N ALA A 24 -53.87 -35.11 -12.01
CA ALA A 24 -54.00 -35.57 -10.65
C ALA A 24 -54.85 -36.85 -10.62
N LYS A 25 -55.92 -36.87 -11.41
CA LYS A 25 -56.80 -38.04 -11.42
C LYS A 25 -56.08 -39.28 -11.97
N GLU A 26 -55.30 -39.05 -13.03
CA GLU A 26 -54.56 -40.14 -13.64
C GLU A 26 -53.54 -40.72 -12.66
N LYS A 27 -52.86 -39.85 -11.93
CA LYS A 27 -51.86 -40.30 -10.96
C LYS A 27 -52.50 -40.97 -9.76
N ALA A 28 -53.67 -40.48 -9.33
CA ALA A 28 -54.35 -41.13 -8.17
C ALA A 28 -54.71 -42.55 -8.59
N LEU A 29 -55.21 -42.66 -9.81
CA LEU A 29 -55.65 -43.98 -10.29
C LEU A 29 -54.46 -44.95 -10.39
N ALA A 30 -53.34 -44.46 -10.91
CA ALA A 30 -52.10 -45.25 -11.03
C ALA A 30 -51.58 -45.73 -9.68
N VAL A 31 -51.48 -44.81 -8.71
CA VAL A 31 -50.96 -45.17 -7.38
C VAL A 31 -51.84 -46.26 -6.75
N PHE A 32 -53.14 -46.12 -6.95
CA PHE A 32 -54.09 -47.06 -6.40
C PHE A 32 -53.94 -48.42 -7.08
N GLU A 33 -53.83 -48.47 -8.41
CA GLU A 33 -53.63 -49.72 -9.11
C GLU A 33 -52.33 -50.43 -8.67
N GLY A 34 -51.32 -49.64 -8.28
CA GLY A 34 -50.08 -50.21 -7.80
C GLY A 34 -50.11 -50.66 -6.35
N GLY A 35 -51.23 -50.47 -5.65
CA GLY A 35 -51.33 -50.96 -4.28
C GLY A 35 -51.32 -49.93 -3.17
N VAL A 36 -51.22 -48.64 -3.54
CA VAL A 36 -51.33 -47.53 -2.54
C VAL A 36 -52.79 -47.04 -2.37
N HIS A 37 -53.39 -47.34 -1.23
CA HIS A 37 -54.79 -47.02 -0.99
C HIS A 37 -55.01 -45.64 -0.36
N LEU A 38 -54.01 -45.13 0.36
CA LEU A 38 -54.09 -43.83 1.01
C LEU A 38 -53.55 -42.75 0.09
N ILE A 39 -54.41 -41.83 -0.32
CA ILE A 39 -54.08 -40.86 -1.34
C ILE A 39 -54.50 -39.46 -0.92
N GLU A 40 -53.50 -38.60 -0.77
CA GLU A 40 -53.67 -37.22 -0.37
C GLU A 40 -53.58 -36.31 -1.60
N ILE A 41 -54.70 -35.65 -1.92
CA ILE A 41 -54.75 -34.71 -3.04
C ILE A 41 -54.34 -33.35 -2.51
N THR A 42 -53.17 -32.87 -2.91
CA THR A 42 -52.68 -31.61 -2.29
C THR A 42 -53.40 -30.39 -2.91
N PHE A 43 -53.54 -29.35 -2.11
CA PHE A 43 -54.13 -28.10 -2.59
C PHE A 43 -53.17 -27.26 -3.44
N THR A 44 -52.02 -27.81 -3.79
CA THR A 44 -51.26 -27.16 -4.86
C THR A 44 -51.79 -27.63 -6.21
N VAL A 45 -52.62 -28.68 -6.25
CA VAL A 45 -53.31 -29.07 -7.48
C VAL A 45 -54.40 -28.03 -7.78
N PRO A 46 -54.43 -27.48 -9.02
CA PRO A 46 -55.55 -26.60 -9.41
C PRO A 46 -56.92 -27.29 -9.18
N ASP A 47 -57.89 -26.59 -8.56
CA ASP A 47 -59.20 -27.24 -8.32
C ASP A 47 -59.09 -28.61 -7.65
N ALA A 48 -58.25 -28.67 -6.63
CA ALA A 48 -58.05 -29.90 -5.86
C ALA A 48 -59.34 -30.48 -5.32
N ASP A 49 -60.26 -29.60 -4.90
CA ASP A 49 -61.55 -30.06 -4.39
C ASP A 49 -62.37 -30.76 -5.47
N THR A 50 -62.26 -30.27 -6.72
CA THR A 50 -62.92 -30.93 -7.83
C THR A 50 -62.32 -32.34 -8.03
N VAL A 51 -61.01 -32.44 -7.90
CA VAL A 51 -60.33 -33.73 -8.02
C VAL A 51 -60.88 -34.73 -7.00
N ILE A 52 -60.91 -34.33 -5.73
CA ILE A 52 -61.46 -35.17 -4.67
C ILE A 52 -62.89 -35.65 -4.99
N LYS A 53 -63.76 -34.73 -5.36
CA LYS A 53 -65.13 -35.08 -5.75
C LYS A 53 -65.14 -36.08 -6.92
N GLU A 54 -64.32 -35.86 -7.94
CA GLU A 54 -64.33 -36.72 -9.12
C GLU A 54 -63.63 -38.09 -8.89
N LEU A 55 -62.99 -38.27 -7.73
CA LEU A 55 -62.32 -39.52 -7.38
C LEU A 55 -63.19 -40.40 -6.51
N SER A 56 -64.46 -40.01 -6.36
CA SER A 56 -65.40 -40.82 -5.60
C SER A 56 -65.44 -42.28 -6.08
N PHE A 57 -65.24 -42.51 -7.38
CA PHE A 57 -65.19 -43.86 -7.95
C PHE A 57 -64.06 -44.70 -7.37
N LEU A 58 -62.94 -44.06 -7.04
CA LEU A 58 -61.81 -44.76 -6.40
C LEU A 58 -62.12 -45.19 -4.98
N LYS A 59 -62.83 -44.33 -4.24
CA LYS A 59 -63.30 -44.69 -2.90
C LYS A 59 -64.11 -46.00 -2.97
N GLU A 60 -64.97 -46.13 -3.98
CA GLU A 60 -65.84 -47.35 -4.07
C GLU A 60 -64.99 -48.61 -4.14
N LYS A 61 -63.77 -48.46 -4.65
CA LYS A 61 -62.91 -49.61 -4.84
C LYS A 61 -62.03 -49.86 -3.63
N GLY A 62 -62.08 -48.99 -2.62
CA GLY A 62 -61.19 -49.21 -1.48
C GLY A 62 -60.23 -48.08 -1.17
N ALA A 63 -60.08 -47.11 -2.08
CA ALA A 63 -59.17 -45.98 -1.85
C ALA A 63 -59.66 -45.07 -0.73
N ILE A 64 -58.71 -44.43 -0.03
CA ILE A 64 -59.02 -43.54 1.07
C ILE A 64 -58.45 -42.20 0.61
N ILE A 65 -59.34 -41.29 0.25
CA ILE A 65 -58.90 -40.06 -0.43
C ILE A 65 -59.00 -38.88 0.56
N GLY A 66 -57.90 -38.19 0.76
CA GLY A 66 -57.86 -37.06 1.65
C GLY A 66 -57.24 -35.87 0.94
N ALA A 67 -56.95 -34.82 1.72
CA ALA A 67 -56.51 -33.55 1.18
C ALA A 67 -55.25 -33.19 1.90
N GLY A 68 -54.29 -32.63 1.14
CA GLY A 68 -53.01 -32.22 1.69
C GLY A 68 -52.73 -30.76 1.38
N THR A 69 -51.61 -30.23 1.89
CA THR A 69 -51.26 -28.83 1.72
C THR A 69 -52.41 -27.87 2.08
N VAL A 70 -53.16 -28.23 3.11
CA VAL A 70 -54.27 -27.38 3.55
C VAL A 70 -53.67 -26.29 4.44
N THR A 71 -53.77 -25.03 4.01
CA THR A 71 -53.21 -23.92 4.82
C THR A 71 -54.22 -22.90 5.28
N SER A 72 -55.49 -23.17 5.05
CA SER A 72 -56.58 -22.31 5.53
C SER A 72 -57.81 -23.15 5.82
N VAL A 73 -58.65 -22.67 6.74
CA VAL A 73 -59.91 -23.32 7.00
C VAL A 73 -60.78 -23.27 5.76
N GLU A 74 -60.72 -22.19 4.96
CA GLU A 74 -61.52 -22.20 3.71
C GLU A 74 -61.19 -23.40 2.80
N GLN A 75 -59.91 -23.68 2.62
CA GLN A 75 -59.55 -24.88 1.84
C GLN A 75 -60.03 -26.16 2.53
N CYS A 76 -59.85 -26.22 3.87
CA CYS A 76 -60.29 -27.38 4.65
C CYS A 76 -61.78 -27.65 4.43
N ARG A 77 -62.56 -26.58 4.41
CA ARG A 77 -63.99 -26.72 4.26
C ARG A 77 -64.30 -27.27 2.88
N LYS A 78 -63.64 -26.72 1.85
CA LYS A 78 -63.86 -27.21 0.48
C LYS A 78 -63.48 -28.69 0.37
N ALA A 79 -62.35 -29.04 0.96
CA ALA A 79 -61.87 -30.44 0.99
C ALA A 79 -62.89 -31.36 1.60
N VAL A 80 -63.36 -31.03 2.82
CA VAL A 80 -64.31 -31.88 3.52
C VAL A 80 -65.66 -31.99 2.80
N GLU A 81 -66.17 -30.87 2.31
CA GLU A 81 -67.44 -30.85 1.61
C GLU A 81 -67.38 -31.69 0.33
N SER A 82 -66.20 -31.74 -0.27
CA SER A 82 -65.98 -32.49 -1.51
C SER A 82 -65.71 -33.98 -1.30
N GLY A 83 -65.50 -34.40 -0.05
CA GLY A 83 -65.40 -35.82 0.28
C GLY A 83 -64.08 -36.26 0.89
N ALA A 84 -63.19 -35.33 1.26
CA ALA A 84 -61.89 -35.71 1.87
C ALA A 84 -62.13 -36.52 3.13
N GLU A 85 -61.38 -37.63 3.26
CA GLU A 85 -61.52 -38.56 4.39
C GLU A 85 -60.52 -38.31 5.53
N PHE A 86 -59.54 -37.47 5.24
CA PHE A 86 -58.55 -37.01 6.19
C PHE A 86 -57.95 -35.69 5.67
N ILE A 87 -57.33 -34.94 6.55
CA ILE A 87 -56.75 -33.61 6.18
C ILE A 87 -55.31 -33.59 6.70
N VAL A 88 -54.39 -33.15 5.85
CA VAL A 88 -52.97 -33.05 6.22
C VAL A 88 -52.51 -31.63 5.89
N SER A 89 -51.64 -31.09 6.73
CA SER A 89 -51.08 -29.77 6.42
C SER A 89 -49.55 -29.84 6.62
N PRO A 90 -48.81 -28.89 6.02
CA PRO A 90 -47.36 -28.98 6.15
C PRO A 90 -46.92 -28.45 7.52
N HIS A 91 -47.83 -27.77 8.19
CA HIS A 91 -47.53 -27.01 9.40
C HIS A 91 -48.56 -27.40 10.47
N LEU A 92 -48.41 -26.83 11.66
CA LEU A 92 -49.43 -26.98 12.68
C LEU A 92 -50.33 -25.79 12.63
N ASP A 93 -51.64 -26.03 12.53
CA ASP A 93 -52.60 -24.94 12.42
C ASP A 93 -53.75 -25.20 13.43
N GLU A 94 -53.84 -24.42 14.52
CA GLU A 94 -54.89 -24.63 15.52
C GLU A 94 -56.27 -24.41 14.92
N GLU A 95 -56.43 -23.45 14.02
CA GLU A 95 -57.71 -23.22 13.38
C GLU A 95 -58.21 -24.43 12.54
N ILE A 96 -57.31 -25.03 11.78
CA ILE A 96 -57.70 -26.20 11.02
C ILE A 96 -57.99 -27.34 11.97
N SER A 97 -57.16 -27.53 13.01
CA SER A 97 -57.44 -28.50 14.04
C SER A 97 -58.85 -28.35 14.63
N GLN A 98 -59.23 -27.13 14.97
CA GLN A 98 -60.59 -26.91 15.54
C GLN A 98 -61.69 -27.20 14.53
N PHE A 99 -61.49 -26.81 13.27
CA PHE A 99 -62.45 -27.13 12.21
C PHE A 99 -62.63 -28.66 12.09
N CYS A 100 -61.51 -29.35 11.95
CA CYS A 100 -61.62 -30.79 11.81
C CYS A 100 -62.30 -31.47 13.01
N LYS A 101 -62.08 -30.96 14.22
CA LYS A 101 -62.79 -31.56 15.36
C LYS A 101 -64.28 -31.34 15.25
N GLU A 102 -64.67 -30.11 14.92
CA GLU A 102 -66.09 -29.82 14.70
C GLU A 102 -66.75 -30.75 13.69
N LYS A 103 -66.04 -31.07 12.60
CA LYS A 103 -66.54 -32.00 11.59
C LYS A 103 -66.31 -33.52 11.91
N GLY A 104 -65.52 -33.82 12.93
CA GLY A 104 -65.17 -35.22 13.22
C GLY A 104 -64.29 -35.87 12.16
N VAL A 105 -63.43 -35.06 11.53
CA VAL A 105 -62.53 -35.51 10.48
C VAL A 105 -61.09 -35.57 11.01
N PHE A 106 -60.40 -36.67 10.69
CA PHE A 106 -58.99 -36.83 11.11
C PHE A 106 -58.09 -35.75 10.51
N TYR A 107 -57.33 -35.05 11.38
CA TYR A 107 -56.37 -34.07 10.93
C TYR A 107 -54.97 -34.47 11.37
N MET A 108 -54.05 -34.47 10.42
CA MET A 108 -52.68 -34.75 10.72
C MET A 108 -51.88 -33.52 10.41
N PRO A 109 -51.54 -32.74 11.45
CA PRO A 109 -50.71 -31.58 11.27
C PRO A 109 -49.24 -31.96 11.05
N GLY A 110 -48.50 -31.05 10.44
CA GLY A 110 -47.09 -31.25 10.22
C GLY A 110 -46.28 -30.44 11.25
N VAL A 111 -45.24 -31.05 11.80
CA VAL A 111 -44.36 -30.45 12.78
C VAL A 111 -42.90 -30.72 12.42
N MET A 112 -42.01 -29.90 12.95
CA MET A 112 -40.61 -30.09 12.71
C MET A 112 -39.81 -29.97 13.99
N THR A 113 -40.44 -29.52 15.08
CA THR A 113 -39.71 -29.25 16.32
C THR A 113 -40.47 -29.80 17.55
N PRO A 114 -39.77 -30.03 18.67
CA PRO A 114 -40.46 -30.42 19.88
C PRO A 114 -41.55 -29.47 20.35
N THR A 115 -41.34 -28.17 20.19
CA THR A 115 -42.31 -27.24 20.63
C THR A 115 -43.58 -27.36 19.77
N GLU A 116 -43.41 -27.48 18.44
CA GLU A 116 -44.56 -27.74 17.56
C GLU A 116 -45.25 -29.06 17.91
N LEU A 117 -44.44 -30.06 18.23
CA LEU A 117 -44.96 -31.38 18.62
C LEU A 117 -45.84 -31.24 19.87
N VAL A 118 -45.35 -30.55 20.88
CA VAL A 118 -46.13 -30.47 22.11
C VAL A 118 -47.41 -29.67 21.91
N LYS A 119 -47.32 -28.57 21.18
CA LYS A 119 -48.51 -27.81 20.81
C LYS A 119 -49.53 -28.69 20.11
N ALA A 120 -49.09 -29.51 19.15
CA ALA A 120 -50.01 -30.47 18.46
C ALA A 120 -50.62 -31.49 19.45
N MET A 121 -49.79 -32.03 20.34
CA MET A 121 -50.30 -33.00 21.32
C MET A 121 -51.31 -32.36 22.23
N LYS A 122 -51.12 -31.09 22.58
CA LYS A 122 -52.10 -30.42 23.44
C LYS A 122 -53.44 -30.14 22.77
N LEU A 123 -53.44 -30.11 21.45
CA LEU A 123 -54.66 -30.03 20.63
C LEU A 123 -55.25 -31.42 20.36
N GLY A 124 -54.68 -32.45 20.96
CA GLY A 124 -55.27 -33.77 20.85
C GLY A 124 -54.61 -34.65 19.81
N HIS A 125 -53.56 -34.16 19.16
CA HIS A 125 -52.94 -34.95 18.09
C HIS A 125 -51.79 -35.84 18.57
N THR A 126 -51.83 -37.13 18.23
CA THR A 126 -50.68 -38.00 18.58
C THR A 126 -50.08 -38.66 17.35
N ILE A 127 -50.77 -38.55 16.21
CA ILE A 127 -50.17 -38.97 14.93
C ILE A 127 -49.80 -37.67 14.16
N LEU A 128 -48.50 -37.45 13.98
CA LEU A 128 -47.98 -36.20 13.41
C LEU A 128 -47.23 -36.47 12.10
N LYS A 129 -47.41 -35.57 11.14
CA LYS A 129 -46.59 -35.59 9.93
C LYS A 129 -45.29 -34.92 10.33
N LEU A 130 -44.16 -35.50 9.93
CA LEU A 130 -42.86 -34.91 10.27
C LEU A 130 -42.34 -34.36 8.97
N PHE A 131 -42.34 -33.04 8.86
CA PHE A 131 -42.03 -32.44 7.58
C PHE A 131 -41.15 -31.19 7.74
N PRO A 132 -40.04 -31.05 6.97
CA PRO A 132 -39.55 -32.04 5.97
C PRO A 132 -38.69 -33.12 6.60
N GLY A 133 -39.09 -34.37 6.42
CA GLY A 133 -38.44 -35.47 7.11
C GLY A 133 -36.98 -35.58 6.77
N GLU A 134 -36.65 -35.38 5.49
CA GLU A 134 -35.27 -35.53 5.01
C GLU A 134 -34.31 -34.67 5.80
N VAL A 135 -34.79 -33.49 6.20
CA VAL A 135 -33.97 -32.52 6.89
C VAL A 135 -33.69 -32.95 8.34
N VAL A 136 -34.72 -33.41 9.06
CA VAL A 136 -34.48 -33.80 10.45
C VAL A 136 -34.05 -35.27 10.61
N GLY A 137 -34.47 -36.11 9.67
CA GLY A 137 -34.05 -37.52 9.63
C GLY A 137 -34.67 -38.46 10.64
N PRO A 138 -34.42 -39.77 10.44
CA PRO A 138 -34.85 -40.76 11.40
C PRO A 138 -34.33 -40.46 12.80
N GLN A 139 -33.17 -39.79 12.89
CA GLN A 139 -32.63 -39.40 14.23
C GLN A 139 -33.61 -38.62 15.05
N PHE A 140 -34.38 -37.79 14.38
CA PHE A 140 -35.39 -36.98 15.08
C PHE A 140 -36.45 -37.89 15.68
N VAL A 141 -36.92 -38.83 14.87
CA VAL A 141 -37.93 -39.79 15.38
C VAL A 141 -37.43 -40.59 16.60
N LYS A 142 -36.22 -41.12 16.49
CA LYS A 142 -35.57 -41.79 17.64
C LYS A 142 -35.42 -40.90 18.89
N ALA A 143 -35.05 -39.64 18.69
CA ALA A 143 -34.94 -38.67 19.81
C ALA A 143 -36.27 -38.38 20.52
N MET A 144 -37.37 -38.48 19.79
CA MET A 144 -38.67 -38.17 20.37
C MET A 144 -39.21 -39.34 21.19
N LYS A 145 -38.66 -40.52 21.00
CA LYS A 145 -39.13 -41.73 21.70
C LYS A 145 -39.07 -41.56 23.19
N GLY A 146 -37.92 -41.08 23.66
CA GLY A 146 -37.71 -40.93 25.10
C GLY A 146 -38.77 -40.04 25.76
N PRO A 147 -38.80 -38.74 25.40
CA PRO A 147 -39.76 -37.81 26.02
C PRO A 147 -41.23 -37.97 25.63
N PHE A 148 -41.51 -38.45 24.41
CA PHE A 148 -42.85 -38.54 23.85
C PHE A 148 -43.16 -39.93 23.34
N PRO A 149 -43.20 -40.92 24.25
CA PRO A 149 -43.38 -42.30 23.81
C PRO A 149 -44.72 -42.57 23.15
N ASN A 150 -45.71 -41.71 23.42
CA ASN A 150 -47.07 -41.85 22.88
C ASN A 150 -47.28 -41.23 21.46
N VAL A 151 -46.29 -40.52 20.95
CA VAL A 151 -46.44 -39.84 19.67
C VAL A 151 -45.88 -40.69 18.55
N LYS A 152 -46.59 -40.72 17.43
CA LYS A 152 -46.24 -41.53 16.22
C LYS A 152 -46.08 -40.58 15.04
N PHE A 153 -45.09 -40.85 14.18
CA PHE A 153 -44.77 -39.95 13.07
C PHE A 153 -45.07 -40.54 11.71
N VAL A 154 -45.42 -39.65 10.80
CA VAL A 154 -45.46 -39.97 9.36
C VAL A 154 -44.52 -39.01 8.66
N PRO A 155 -43.27 -39.41 8.51
CA PRO A 155 -42.34 -38.51 7.84
C PRO A 155 -42.67 -38.33 6.36
N THR A 156 -42.53 -37.10 5.90
CA THR A 156 -42.89 -36.73 4.54
C THR A 156 -41.84 -35.67 4.14
N GLY A 157 -41.41 -35.69 2.89
CA GLY A 157 -40.39 -34.75 2.41
C GLY A 157 -39.08 -35.46 2.14
N GLY A 158 -38.84 -35.81 0.86
CA GLY A 158 -37.65 -36.52 0.44
C GLY A 158 -37.60 -37.99 0.77
N VAL A 159 -38.74 -38.64 1.04
CA VAL A 159 -38.78 -40.08 1.28
C VAL A 159 -38.66 -40.74 -0.10
N ASN A 160 -37.78 -41.70 -0.21
CA ASN A 160 -37.62 -42.39 -1.51
C ASN A 160 -37.28 -43.87 -1.28
N LEU A 161 -37.07 -44.67 -2.33
CA LEU A 161 -36.87 -46.11 -2.14
C LEU A 161 -35.62 -46.43 -1.33
N ASP A 162 -34.62 -45.55 -1.45
CA ASP A 162 -33.30 -45.71 -0.81
C ASP A 162 -33.33 -45.43 0.69
N ASN A 163 -34.22 -44.54 1.12
CA ASN A 163 -34.29 -44.18 2.56
C ASN A 163 -35.54 -44.65 3.33
N VAL A 164 -36.53 -45.22 2.63
CA VAL A 164 -37.76 -45.66 3.28
C VAL A 164 -37.54 -46.68 4.44
N CYS A 165 -36.65 -47.66 4.27
CA CYS A 165 -36.49 -48.62 5.35
C CYS A 165 -35.80 -48.04 6.60
N GLU A 166 -34.95 -47.05 6.43
CA GLU A 166 -34.33 -46.38 7.57
C GLU A 166 -35.43 -45.75 8.44
N TRP A 167 -36.47 -45.19 7.81
CA TRP A 167 -37.54 -44.56 8.54
C TRP A 167 -38.30 -45.60 9.34
N PHE A 168 -38.60 -46.74 8.72
CA PHE A 168 -39.34 -47.78 9.47
C PHE A 168 -38.52 -48.42 10.60
N LYS A 169 -37.22 -48.54 10.38
CA LYS A 169 -36.26 -49.00 11.41
C LYS A 169 -36.28 -48.06 12.64
N ALA A 170 -36.46 -46.75 12.41
CA ALA A 170 -36.58 -45.76 13.49
C ALA A 170 -37.89 -45.75 14.28
N GLY A 171 -38.95 -46.35 13.75
CA GLY A 171 -40.21 -46.54 14.51
C GLY A 171 -41.37 -45.66 14.03
N VAL A 172 -41.43 -45.45 12.74
CA VAL A 172 -42.40 -44.55 12.18
C VAL A 172 -43.69 -45.33 11.92
N LEU A 173 -44.85 -44.65 11.95
CA LEU A 173 -46.15 -45.28 11.71
C LEU A 173 -46.39 -45.56 10.22
N ALA A 174 -46.02 -44.59 9.39
CA ALA A 174 -46.25 -44.65 7.94
C ALA A 174 -45.29 -43.62 7.34
N VAL A 175 -45.16 -43.60 6.02
CA VAL A 175 -44.48 -42.53 5.33
C VAL A 175 -45.37 -41.88 4.27
N GLY A 176 -45.15 -40.58 4.06
CA GLY A 176 -45.78 -39.80 2.96
C GLY A 176 -44.77 -39.73 1.81
N VAL A 177 -45.11 -40.19 0.63
CA VAL A 177 -44.16 -40.18 -0.47
C VAL A 177 -44.75 -39.32 -1.58
N GLY A 178 -43.96 -38.34 -2.01
CA GLY A 178 -44.35 -37.39 -3.01
C GLY A 178 -43.64 -37.70 -4.33
N SER A 179 -42.67 -36.87 -4.66
CA SER A 179 -42.05 -36.90 -5.97
C SER A 179 -41.41 -38.24 -6.38
N ALA A 180 -40.84 -38.99 -5.43
CA ALA A 180 -40.32 -40.34 -5.70
C ALA A 180 -41.40 -41.33 -6.12
N LEU A 181 -42.66 -41.02 -5.81
CA LEU A 181 -43.75 -41.92 -6.20
C LEU A 181 -44.55 -41.42 -7.38
N VAL A 182 -44.92 -40.14 -7.34
CA VAL A 182 -46.04 -39.67 -8.18
C VAL A 182 -45.58 -39.04 -9.52
N LYS A 183 -44.29 -38.78 -9.65
CA LYS A 183 -43.77 -38.30 -10.94
C LYS A 183 -43.58 -39.40 -11.98
N GLY A 184 -44.02 -39.14 -13.21
CA GLY A 184 -43.83 -40.08 -14.28
C GLY A 184 -45.08 -40.27 -15.08
N THR A 185 -45.01 -41.16 -16.07
CA THR A 185 -46.19 -41.59 -16.82
C THR A 185 -46.99 -42.46 -15.85
N PRO A 186 -48.33 -42.52 -16.02
CA PRO A 186 -49.10 -43.40 -15.18
C PRO A 186 -48.53 -44.82 -15.10
N ASP A 187 -47.99 -45.40 -16.17
CA ASP A 187 -47.44 -46.78 -16.02
C ASP A 187 -46.29 -46.79 -15.05
N GLU A 188 -45.43 -45.79 -15.18
CA GLU A 188 -44.29 -45.58 -14.29
C GLU A 188 -44.75 -45.41 -12.84
N VAL A 189 -45.77 -44.58 -12.64
CA VAL A 189 -46.29 -44.35 -11.27
C VAL A 189 -46.86 -45.60 -10.67
N ARG A 190 -47.60 -46.35 -11.48
CA ARG A 190 -48.16 -47.63 -11.02
C ARG A 190 -47.05 -48.59 -10.53
N GLU A 191 -45.99 -48.70 -11.33
CA GLU A 191 -44.88 -49.55 -10.98
C GLU A 191 -44.08 -49.01 -9.78
N LYS A 192 -43.99 -47.69 -9.63
CA LYS A 192 -43.38 -47.11 -8.43
C LYS A 192 -44.21 -47.35 -7.20
N ALA A 193 -45.54 -47.29 -7.35
CA ALA A 193 -46.39 -47.63 -6.25
C ALA A 193 -46.13 -49.08 -5.80
N LYS A 194 -46.04 -50.01 -6.75
CA LYS A 194 -45.76 -51.43 -6.39
C LYS A 194 -44.41 -51.57 -5.68
N ALA A 195 -43.41 -50.87 -6.21
CA ALA A 195 -42.03 -50.83 -5.67
C ALA A 195 -42.02 -50.36 -4.20
N PHE A 196 -42.72 -49.24 -3.92
CA PHE A 196 -42.86 -48.80 -2.55
C PHE A 196 -43.60 -49.75 -1.61
N VAL A 197 -44.73 -50.30 -2.07
CA VAL A 197 -45.47 -51.24 -1.25
C VAL A 197 -44.55 -52.43 -0.93
N GLU A 198 -43.82 -52.90 -1.95
CA GLU A 198 -43.00 -54.09 -1.76
C GLU A 198 -41.82 -53.74 -0.88
N LYS A 199 -41.24 -52.55 -1.05
CA LYS A 199 -40.09 -52.11 -0.26
C LYS A 199 -40.48 -52.09 1.21
N ILE A 200 -41.62 -51.49 1.52
CA ILE A 200 -42.13 -51.43 2.91
C ILE A 200 -42.37 -52.84 3.49
N ARG A 201 -43.04 -53.69 2.71
CA ARG A 201 -43.30 -55.07 3.16
C ARG A 201 -41.98 -55.80 3.41
N GLY A 202 -40.91 -55.32 2.77
CA GLY A 202 -39.60 -55.92 2.96
C GLY A 202 -38.80 -55.48 4.18
N CYS A 203 -39.03 -54.29 4.74
CA CYS A 203 -38.20 -53.84 5.88
C CYS A 203 -38.61 -54.62 7.13
N LYS B 2 -39.39 -3.64 -5.09
CA LYS B 2 -38.05 -3.32 -5.65
C LYS B 2 -36.98 -4.30 -5.16
N MET B 3 -37.02 -4.69 -3.88
CA MET B 3 -35.95 -5.54 -3.34
C MET B 3 -35.94 -6.92 -3.96
N GLU B 4 -37.13 -7.44 -4.23
CA GLU B 4 -37.26 -8.75 -4.85
C GLU B 4 -36.47 -8.68 -6.16
N GLU B 5 -36.68 -7.60 -6.90
CA GLU B 5 -36.00 -7.42 -8.19
C GLU B 5 -34.48 -7.24 -8.04
N LEU B 6 -34.06 -6.60 -6.95
CA LEU B 6 -32.63 -6.41 -6.68
C LEU B 6 -31.94 -7.72 -6.26
N PHE B 7 -32.67 -8.56 -5.53
CA PHE B 7 -32.17 -9.85 -5.11
C PHE B 7 -31.91 -10.74 -6.33
N LYS B 8 -32.85 -10.70 -7.26
CA LYS B 8 -32.77 -11.54 -8.44
C LYS B 8 -31.63 -11.08 -9.31
N LYS B 9 -31.47 -9.76 -9.42
CA LYS B 9 -30.36 -9.20 -10.22
C LYS B 9 -28.98 -9.50 -9.61
N HIS B 10 -28.83 -9.24 -8.30
CA HIS B 10 -27.52 -9.30 -7.63
C HIS B 10 -27.15 -10.63 -7.00
N LYS B 11 -28.16 -11.35 -6.54
CA LYS B 11 -28.04 -12.75 -6.06
C LYS B 11 -27.19 -13.04 -4.81
N ILE B 12 -26.45 -12.09 -4.30
CA ILE B 12 -25.65 -12.32 -3.10
C ILE B 12 -25.66 -11.09 -2.20
N VAL B 13 -25.89 -11.31 -0.89
CA VAL B 13 -25.85 -10.26 0.11
C VAL B 13 -24.68 -10.55 1.01
N ALA B 14 -23.82 -9.57 1.20
CA ALA B 14 -22.76 -9.74 2.20
C ALA B 14 -23.29 -9.47 3.60
N VAL B 15 -23.14 -10.45 4.51
CA VAL B 15 -23.68 -10.35 5.87
C VAL B 15 -22.48 -9.99 6.74
N LEU B 16 -22.41 -8.73 7.14
CA LEU B 16 -21.22 -8.20 7.80
C LEU B 16 -21.36 -8.25 9.30
N ARG B 17 -20.58 -9.13 9.93
CA ARG B 17 -20.33 -9.11 11.37
C ARG B 17 -18.89 -8.61 11.53
N ALA B 18 -18.65 -7.89 12.63
CA ALA B 18 -17.37 -7.28 12.87
C ALA B 18 -17.38 -6.76 14.30
N ASN B 19 -16.19 -6.45 14.79
CA ASN B 19 -16.02 -6.04 16.18
C ASN B 19 -15.86 -4.54 16.30
N SER B 20 -15.84 -3.84 15.17
CA SER B 20 -15.74 -2.36 15.21
C SER B 20 -16.39 -1.70 14.00
N VAL B 21 -16.65 -0.39 14.10
CA VAL B 21 -17.14 0.40 12.96
C VAL B 21 -16.13 0.35 11.85
N GLU B 22 -14.86 0.56 12.18
CA GLU B 22 -13.84 0.64 11.14
C GLU B 22 -13.67 -0.71 10.41
N GLU B 23 -13.66 -1.81 11.15
CA GLU B 23 -13.65 -3.15 10.53
C GLU B 23 -14.85 -3.42 9.63
N ALA B 24 -16.05 -3.07 10.09
CA ALA B 24 -17.23 -3.23 9.24
C ALA B 24 -17.09 -2.41 7.98
N LYS B 25 -16.59 -1.18 8.08
CA LYS B 25 -16.46 -0.36 6.88
C LYS B 25 -15.42 -0.88 5.92
N GLU B 26 -14.29 -1.34 6.47
CA GLU B 26 -13.22 -1.97 5.68
C GLU B 26 -13.78 -3.15 4.88
N LYS B 27 -14.53 -4.02 5.55
CA LYS B 27 -15.14 -5.20 4.91
C LYS B 27 -16.20 -4.81 3.84
N ALA B 28 -17.02 -3.80 4.13
CA ALA B 28 -18.04 -3.31 3.16
C ALA B 28 -17.39 -2.80 1.88
N LEU B 29 -16.38 -1.94 2.03
CA LEU B 29 -15.62 -1.46 0.86
C LEU B 29 -15.00 -2.60 0.06
N ALA B 30 -14.41 -3.57 0.74
CA ALA B 30 -13.72 -4.68 0.08
C ALA B 30 -14.70 -5.49 -0.76
N VAL B 31 -15.87 -5.77 -0.17
CA VAL B 31 -16.86 -6.60 -0.80
C VAL B 31 -17.47 -5.83 -1.98
N PHE B 32 -17.67 -4.54 -1.80
CA PHE B 32 -18.20 -3.70 -2.86
C PHE B 32 -17.24 -3.62 -4.06
N GLU B 33 -15.96 -3.39 -3.77
CA GLU B 33 -14.92 -3.32 -4.81
C GLU B 33 -14.82 -4.63 -5.59
N GLY B 34 -15.13 -5.73 -4.92
CA GLY B 34 -15.22 -7.06 -5.56
C GLY B 34 -16.53 -7.41 -6.28
N GLY B 35 -17.48 -6.49 -6.27
CA GLY B 35 -18.71 -6.60 -7.08
C GLY B 35 -19.96 -7.02 -6.32
N VAL B 36 -19.89 -7.03 -5.00
CA VAL B 36 -21.09 -7.36 -4.20
C VAL B 36 -21.74 -6.03 -3.84
N HIS B 37 -22.97 -5.80 -4.32
CA HIS B 37 -23.69 -4.53 -4.17
C HIS B 37 -24.64 -4.52 -3.00
N LEU B 38 -25.12 -5.68 -2.59
CA LEU B 38 -26.07 -5.80 -1.49
C LEU B 38 -25.30 -6.07 -0.21
N ILE B 39 -25.38 -5.13 0.72
CA ILE B 39 -24.52 -5.14 1.90
C ILE B 39 -25.41 -5.03 3.14
N GLU B 40 -25.34 -6.02 4.00
CA GLU B 40 -26.15 -6.06 5.23
C GLU B 40 -25.25 -5.84 6.45
N ILE B 41 -25.40 -4.69 7.11
CA ILE B 41 -24.68 -4.42 8.37
C ILE B 41 -25.44 -5.03 9.54
N THR B 42 -24.90 -6.05 10.21
CA THR B 42 -25.65 -6.65 11.32
C THR B 42 -25.55 -5.81 12.59
N PHE B 43 -26.60 -5.86 13.41
CA PHE B 43 -26.65 -5.12 14.67
C PHE B 43 -25.82 -5.73 15.79
N THR B 44 -25.07 -6.78 15.46
CA THR B 44 -23.95 -7.18 16.33
C THR B 44 -22.64 -6.41 16.09
N VAL B 45 -22.54 -5.69 14.97
CA VAL B 45 -21.49 -4.63 14.82
C VAL B 45 -21.70 -3.47 15.82
N PRO B 46 -20.66 -3.12 16.60
CA PRO B 46 -20.88 -1.94 17.48
C PRO B 46 -21.33 -0.69 16.67
N ASP B 47 -22.30 0.07 17.18
CA ASP B 47 -22.76 1.28 16.48
C ASP B 47 -23.08 0.96 15.03
N ALA B 48 -23.75 -0.17 14.79
CA ALA B 48 -24.11 -0.53 13.41
C ALA B 48 -24.87 0.59 12.67
N ASP B 49 -25.68 1.39 13.38
CA ASP B 49 -26.37 2.45 12.66
C ASP B 49 -25.42 3.55 12.21
N THR B 50 -24.34 3.79 12.97
CA THR B 50 -23.26 4.65 12.49
C THR B 50 -22.63 4.10 11.22
N VAL B 51 -22.38 2.79 11.15
CA VAL B 51 -21.81 2.17 9.96
C VAL B 51 -22.70 2.42 8.74
N ILE B 52 -24.00 2.23 8.92
CA ILE B 52 -24.95 2.43 7.82
C ILE B 52 -24.95 3.87 7.29
N LYS B 53 -24.96 4.83 8.22
CA LYS B 53 -25.00 6.25 7.86
C LYS B 53 -23.69 6.62 7.17
N GLU B 54 -22.59 6.08 7.67
CA GLU B 54 -21.31 6.47 7.14
C GLU B 54 -20.99 5.86 5.80
N LEU B 55 -21.69 4.77 5.45
CA LEU B 55 -21.51 4.15 4.14
C LEU B 55 -22.45 4.70 3.08
N SER B 56 -23.16 5.78 3.42
CA SER B 56 -24.16 6.38 2.54
C SER B 56 -23.59 6.78 1.19
N PHE B 57 -22.31 7.18 1.16
CA PHE B 57 -21.66 7.53 -0.09
C PHE B 57 -21.60 6.37 -1.10
N LEU B 58 -21.58 5.13 -0.63
CA LEU B 58 -21.64 3.97 -1.52
C LEU B 58 -22.94 3.87 -2.27
N LYS B 59 -24.02 4.39 -1.72
CA LYS B 59 -25.28 4.37 -2.42
C LYS B 59 -25.27 5.10 -3.76
N GLU B 60 -24.49 6.20 -3.89
CA GLU B 60 -24.39 6.88 -5.21
C GLU B 60 -23.60 6.02 -6.20
N LYS B 61 -22.91 5.00 -5.69
CA LYS B 61 -22.18 4.07 -6.54
C LYS B 61 -22.99 2.83 -6.88
N GLY B 62 -24.21 2.77 -6.36
CA GLY B 62 -25.13 1.65 -6.59
C GLY B 62 -25.16 0.61 -5.48
N ALA B 63 -24.48 0.81 -4.36
CA ALA B 63 -24.64 -0.12 -3.24
C ALA B 63 -26.01 -0.02 -2.63
N ILE B 64 -26.53 -1.14 -2.15
CA ILE B 64 -27.81 -1.14 -1.45
C ILE B 64 -27.45 -1.61 -0.05
N ILE B 65 -27.67 -0.77 0.94
CA ILE B 65 -27.13 -1.05 2.26
C ILE B 65 -28.29 -1.27 3.20
N GLY B 66 -28.30 -2.41 3.89
CA GLY B 66 -29.37 -2.68 4.84
C GLY B 66 -28.84 -3.07 6.20
N ALA B 67 -29.73 -3.52 7.06
CA ALA B 67 -29.37 -3.87 8.43
C ALA B 67 -29.79 -5.28 8.64
N GLY B 68 -28.99 -6.03 9.40
CA GLY B 68 -29.39 -7.39 9.76
C GLY B 68 -29.30 -7.62 11.26
N THR B 69 -29.61 -8.85 11.72
CA THR B 69 -29.72 -9.11 13.17
C THR B 69 -30.54 -8.03 13.92
N VAL B 70 -31.60 -7.61 13.25
CA VAL B 70 -32.55 -6.69 13.89
C VAL B 70 -33.46 -7.54 14.77
N THR B 71 -33.41 -7.31 16.09
CA THR B 71 -34.22 -8.09 17.03
C THR B 71 -35.26 -7.27 17.83
N SER B 72 -35.37 -5.96 17.57
CA SER B 72 -36.42 -5.15 18.20
C SER B 72 -36.88 -4.02 17.27
N VAL B 73 -38.07 -3.47 17.52
CA VAL B 73 -38.53 -2.30 16.75
C VAL B 73 -37.61 -1.10 16.98
N GLU B 74 -37.10 -0.95 18.20
CA GLU B 74 -36.14 0.11 18.51
C GLU B 74 -34.95 0.06 17.57
N GLN B 75 -34.33 -1.11 17.42
CA GLN B 75 -33.22 -1.22 16.47
C GLN B 75 -33.69 -0.98 15.04
N CYS B 76 -34.87 -1.48 14.71
CA CYS B 76 -35.40 -1.31 13.34
C CYS B 76 -35.57 0.17 12.99
N ARG B 77 -36.10 0.95 13.93
CA ARG B 77 -36.32 2.38 13.75
C ARG B 77 -34.96 3.12 13.57
N LYS B 78 -33.95 2.74 14.35
CA LYS B 78 -32.65 3.36 14.24
C LYS B 78 -32.03 3.03 12.88
N ALA B 79 -32.13 1.78 12.49
CA ALA B 79 -31.58 1.34 11.20
C ALA B 79 -32.20 2.14 10.04
N VAL B 80 -33.52 2.25 10.02
CA VAL B 80 -34.21 3.00 8.96
C VAL B 80 -33.84 4.49 9.01
N GLU B 81 -33.82 5.05 10.21
CA GLU B 81 -33.35 6.42 10.38
C GLU B 81 -31.96 6.69 9.84
N SER B 82 -31.08 5.70 9.91
CA SER B 82 -29.70 5.86 9.50
C SER B 82 -29.48 5.61 8.01
N GLY B 83 -30.54 5.18 7.34
CA GLY B 83 -30.53 4.98 5.90
C GLY B 83 -30.64 3.54 5.41
N ALA B 84 -30.96 2.60 6.30
CA ALA B 84 -31.07 1.17 5.86
C ALA B 84 -32.17 1.01 4.82
N GLU B 85 -31.84 0.34 3.72
CA GLU B 85 -32.78 0.20 2.61
C GLU B 85 -33.56 -1.11 2.67
N PHE B 86 -33.08 -2.05 3.51
CA PHE B 86 -33.80 -3.29 3.84
C PHE B 86 -33.42 -3.76 5.26
N ILE B 87 -34.24 -4.64 5.83
CA ILE B 87 -34.10 -5.09 7.23
C ILE B 87 -34.24 -6.59 7.23
N VAL B 88 -33.37 -7.25 7.96
CA VAL B 88 -33.27 -8.71 7.99
C VAL B 88 -33.17 -9.11 9.47
N SER B 89 -33.82 -10.20 9.85
CA SER B 89 -33.64 -10.75 11.20
C SER B 89 -33.39 -12.26 11.14
N PRO B 90 -32.75 -12.83 12.17
CA PRO B 90 -32.54 -14.28 12.18
C PRO B 90 -33.86 -15.10 12.36
N HIS B 91 -34.91 -14.43 12.81
CA HIS B 91 -36.16 -15.08 13.25
C HIS B 91 -37.33 -14.35 12.62
N LEU B 92 -38.55 -14.81 12.91
CA LEU B 92 -39.74 -14.08 12.47
C LEU B 92 -40.26 -13.28 13.63
N ASP B 93 -40.34 -11.94 13.46
CA ASP B 93 -40.82 -11.03 14.50
C ASP B 93 -42.06 -10.30 13.92
N GLU B 94 -43.23 -10.56 14.47
CA GLU B 94 -44.44 -9.89 13.99
C GLU B 94 -44.46 -8.38 14.23
N GLU B 95 -43.86 -7.92 15.32
CA GLU B 95 -43.76 -6.47 15.58
C GLU B 95 -42.88 -5.80 14.56
N ILE B 96 -41.73 -6.42 14.24
CA ILE B 96 -40.85 -5.83 13.19
C ILE B 96 -41.55 -5.82 11.84
N SER B 97 -42.25 -6.91 11.50
CA SER B 97 -42.98 -6.98 10.24
C SER B 97 -43.98 -5.83 10.09
N GLN B 98 -44.75 -5.64 11.15
CA GLN B 98 -45.73 -4.56 11.18
C GLN B 98 -45.11 -3.19 11.06
N PHE B 99 -43.98 -2.98 11.75
CA PHE B 99 -43.34 -1.67 11.74
C PHE B 99 -42.83 -1.40 10.32
N CYS B 100 -42.22 -2.43 9.74
CA CYS B 100 -41.63 -2.27 8.42
C CYS B 100 -42.73 -2.06 7.39
N LYS B 101 -43.83 -2.76 7.53
CA LYS B 101 -45.00 -2.57 6.67
C LYS B 101 -45.42 -1.10 6.68
N GLU B 102 -45.56 -0.54 7.89
CA GLU B 102 -45.95 0.86 8.07
C GLU B 102 -44.98 1.83 7.46
N LYS B 103 -43.69 1.57 7.62
CA LYS B 103 -42.66 2.45 7.13
C LYS B 103 -42.39 2.27 5.65
N GLY B 104 -42.94 1.20 5.07
CA GLY B 104 -42.69 0.87 3.69
C GLY B 104 -41.26 0.48 3.38
N VAL B 105 -40.65 -0.31 4.28
CA VAL B 105 -39.30 -0.80 4.10
C VAL B 105 -39.35 -2.33 4.00
N PHE B 106 -38.63 -2.86 3.03
CA PHE B 106 -38.55 -4.31 2.87
C PHE B 106 -37.99 -4.99 4.12
N TYR B 107 -38.73 -5.97 4.65
CA TYR B 107 -38.31 -6.82 5.76
C TYR B 107 -38.21 -8.29 5.31
N MET B 108 -37.08 -8.91 5.62
CA MET B 108 -36.89 -10.34 5.36
C MET B 108 -36.68 -11.05 6.71
N PRO B 109 -37.74 -11.65 7.26
CA PRO B 109 -37.58 -12.46 8.47
C PRO B 109 -36.91 -13.78 8.16
N GLY B 110 -36.32 -14.37 9.19
CA GLY B 110 -35.67 -15.66 9.02
C GLY B 110 -36.64 -16.71 9.54
N VAL B 111 -36.66 -17.87 8.89
CA VAL B 111 -37.50 -19.01 9.34
C VAL B 111 -36.66 -20.25 9.26
N MET B 112 -37.08 -21.28 9.99
CA MET B 112 -36.38 -22.56 9.91
C MET B 112 -37.35 -23.72 9.80
N THR B 113 -38.65 -23.45 9.89
CA THR B 113 -39.66 -24.53 9.87
C THR B 113 -40.85 -24.12 9.01
N PRO B 114 -41.61 -25.11 8.52
CA PRO B 114 -42.79 -24.85 7.71
C PRO B 114 -43.85 -24.05 8.48
N THR B 115 -43.93 -24.28 9.78
CA THR B 115 -44.91 -23.56 10.60
C THR B 115 -44.52 -22.07 10.67
N GLU B 116 -43.24 -21.80 10.90
CA GLU B 116 -42.73 -20.40 10.88
C GLU B 116 -42.93 -19.76 9.50
N LEU B 117 -42.65 -20.53 8.46
CA LEU B 117 -42.89 -20.09 7.06
C LEU B 117 -44.37 -19.68 6.82
N VAL B 118 -45.32 -20.54 7.17
CA VAL B 118 -46.73 -20.17 6.97
C VAL B 118 -47.14 -18.90 7.74
N LYS B 119 -46.71 -18.78 8.99
CA LYS B 119 -46.97 -17.56 9.76
C LYS B 119 -46.41 -16.33 9.04
N ALA B 120 -45.15 -16.43 8.55
CA ALA B 120 -44.54 -15.33 7.81
C ALA B 120 -45.35 -15.04 6.53
N MET B 121 -45.76 -16.08 5.80
CA MET B 121 -46.67 -15.84 4.64
C MET B 121 -47.95 -15.13 5.00
N LYS B 122 -48.52 -15.47 6.16
CA LYS B 122 -49.77 -14.80 6.59
C LYS B 122 -49.52 -13.34 6.91
N LEU B 123 -48.27 -12.98 7.21
CA LEU B 123 -47.88 -11.60 7.46
C LEU B 123 -47.50 -10.87 6.17
N GLY B 124 -47.66 -11.53 5.04
CA GLY B 124 -47.36 -10.87 3.77
C GLY B 124 -46.00 -11.18 3.16
N HIS B 125 -45.21 -12.07 3.77
CA HIS B 125 -43.84 -12.32 3.27
C HIS B 125 -43.81 -13.50 2.32
N THR B 126 -43.12 -13.34 1.19
CA THR B 126 -42.92 -14.45 0.26
C THR B 126 -41.43 -14.62 0.04
N ILE B 127 -40.61 -13.63 0.42
CA ILE B 127 -39.15 -13.75 0.36
C ILE B 127 -38.59 -13.94 1.81
N LEU B 128 -37.98 -15.09 2.10
CA LEU B 128 -37.66 -15.44 3.48
C LEU B 128 -36.23 -15.78 3.58
N LYS B 129 -35.62 -15.38 4.71
CA LYS B 129 -34.28 -15.85 5.00
C LYS B 129 -34.43 -17.24 5.59
N LEU B 130 -33.53 -18.12 5.20
CA LEU B 130 -33.54 -19.46 5.75
C LEU B 130 -32.30 -19.52 6.63
N PHE B 131 -32.51 -19.61 7.93
CA PHE B 131 -31.41 -19.57 8.87
C PHE B 131 -31.66 -20.51 10.06
N PRO B 132 -30.62 -21.33 10.45
CA PRO B 132 -29.30 -21.43 9.81
C PRO B 132 -29.25 -22.40 8.63
N GLY B 133 -28.77 -21.90 7.49
CA GLY B 133 -28.69 -22.66 6.24
C GLY B 133 -27.93 -23.97 6.38
N GLU B 134 -26.87 -23.97 7.18
CA GLU B 134 -25.96 -25.11 7.32
C GLU B 134 -26.62 -26.28 8.09
N VAL B 135 -27.69 -25.98 8.80
CA VAL B 135 -28.39 -26.97 9.56
C VAL B 135 -29.50 -27.59 8.72
N VAL B 136 -30.26 -26.79 7.97
CA VAL B 136 -31.38 -27.40 7.19
C VAL B 136 -31.00 -27.77 5.74
N GLY B 137 -30.08 -26.99 5.19
CA GLY B 137 -29.49 -27.28 3.88
C GLY B 137 -30.38 -27.04 2.67
N PRO B 138 -29.81 -27.22 1.47
CA PRO B 138 -30.62 -27.10 0.26
C PRO B 138 -31.78 -28.05 0.18
N GLN B 139 -31.71 -29.20 0.88
CA GLN B 139 -32.85 -30.11 0.96
C GLN B 139 -34.13 -29.46 1.52
N PHE B 140 -34.00 -28.55 2.50
CA PHE B 140 -35.16 -27.80 2.99
C PHE B 140 -35.77 -26.97 1.84
N VAL B 141 -34.92 -26.26 1.10
CA VAL B 141 -35.40 -25.47 -0.02
C VAL B 141 -36.11 -26.32 -1.09
N LYS B 142 -35.51 -27.45 -1.49
CA LYS B 142 -36.22 -28.40 -2.41
C LYS B 142 -37.55 -28.94 -1.82
N ALA B 143 -37.54 -29.29 -0.53
CA ALA B 143 -38.74 -29.81 0.10
C ALA B 143 -39.89 -28.79 0.12
N MET B 144 -39.55 -27.51 0.21
CA MET B 144 -40.56 -26.45 0.25
C MET B 144 -41.14 -26.11 -1.10
N LYS B 145 -40.48 -26.48 -2.19
CA LYS B 145 -41.00 -26.13 -3.52
C LYS B 145 -42.35 -26.78 -3.81
N GLY B 146 -42.55 -27.99 -3.32
CA GLY B 146 -43.81 -28.67 -3.49
C GLY B 146 -45.00 -27.95 -2.87
N PRO B 147 -45.06 -27.89 -1.54
CA PRO B 147 -46.19 -27.21 -0.90
C PRO B 147 -46.24 -25.68 -1.02
N PHE B 148 -45.10 -25.04 -1.23
CA PHE B 148 -45.02 -23.57 -1.21
C PHE B 148 -44.27 -23.08 -2.44
N PRO B 149 -44.83 -23.33 -3.63
CA PRO B 149 -44.05 -23.10 -4.84
C PRO B 149 -43.72 -21.61 -5.07
N ASN B 150 -44.47 -20.71 -4.46
CA ASN B 150 -44.26 -19.26 -4.63
C ASN B 150 -43.27 -18.60 -3.63
N VAL B 151 -42.86 -19.33 -2.60
CA VAL B 151 -41.97 -18.80 -1.58
C VAL B 151 -40.53 -18.85 -2.08
N LYS B 152 -39.76 -17.78 -1.89
CA LYS B 152 -38.40 -17.69 -2.38
C LYS B 152 -37.50 -17.58 -1.17
N PHE B 153 -36.41 -18.36 -1.13
CA PHE B 153 -35.52 -18.31 0.05
C PHE B 153 -34.22 -17.63 -0.22
N VAL B 154 -33.67 -17.03 0.83
CA VAL B 154 -32.31 -16.48 0.84
C VAL B 154 -31.63 -17.11 2.07
N PRO B 155 -30.95 -18.25 1.88
CA PRO B 155 -30.29 -18.90 3.02
C PRO B 155 -29.11 -18.08 3.52
N THR B 156 -28.91 -18.10 4.85
CA THR B 156 -27.70 -17.53 5.48
C THR B 156 -27.27 -18.60 6.44
N GLY B 157 -25.97 -18.81 6.52
CA GLY B 157 -25.40 -19.77 7.47
C GLY B 157 -24.55 -20.76 6.70
N GLY B 158 -23.25 -20.53 6.66
CA GLY B 158 -22.34 -21.51 6.10
C GLY B 158 -22.28 -21.62 4.57
N VAL B 159 -22.93 -20.68 3.85
CA VAL B 159 -22.85 -20.64 2.36
C VAL B 159 -21.41 -20.36 2.04
N ASN B 160 -20.82 -21.13 1.14
CA ASN B 160 -19.42 -20.86 0.85
C ASN B 160 -19.13 -21.18 -0.60
N LEU B 161 -17.87 -21.06 -1.02
CA LEU B 161 -17.56 -21.25 -2.43
C LEU B 161 -17.78 -22.65 -2.87
N ASP B 162 -17.77 -23.57 -1.91
CA ASP B 162 -17.95 -24.96 -2.26
C ASP B 162 -19.40 -25.32 -2.53
N ASN B 163 -20.34 -24.73 -1.78
CA ASN B 163 -21.70 -25.16 -1.91
C ASN B 163 -22.63 -24.16 -2.53
N VAL B 164 -22.12 -22.98 -2.88
CA VAL B 164 -23.01 -21.92 -3.35
C VAL B 164 -23.86 -22.33 -4.56
N CYS B 165 -23.25 -23.00 -5.54
CA CYS B 165 -24.05 -23.47 -6.67
C CYS B 165 -25.11 -24.52 -6.33
N GLU B 166 -24.91 -25.29 -5.26
CA GLU B 166 -25.93 -26.24 -4.83
C GLU B 166 -27.15 -25.52 -4.34
N TRP B 167 -26.95 -24.41 -3.62
CA TRP B 167 -28.09 -23.64 -3.12
C TRP B 167 -28.87 -23.10 -4.31
N PHE B 168 -28.18 -22.52 -5.28
CA PHE B 168 -28.88 -22.02 -6.48
C PHE B 168 -29.57 -23.11 -7.32
N LYS B 169 -28.91 -24.23 -7.47
CA LYS B 169 -29.51 -25.38 -8.13
C LYS B 169 -30.76 -25.88 -7.38
N ALA B 170 -30.79 -25.70 -6.05
CA ALA B 170 -31.95 -26.06 -5.26
C ALA B 170 -33.12 -25.07 -5.41
N GLY B 171 -32.87 -23.88 -5.96
CA GLY B 171 -34.00 -22.96 -6.20
C GLY B 171 -34.04 -21.67 -5.38
N VAL B 172 -32.91 -21.34 -4.75
CA VAL B 172 -32.83 -20.17 -3.89
C VAL B 172 -32.82 -18.88 -4.78
N LEU B 173 -33.34 -17.78 -4.26
CA LEU B 173 -33.35 -16.51 -4.98
C LEU B 173 -31.98 -15.83 -4.93
N ALA B 174 -31.36 -15.92 -3.75
CA ALA B 174 -30.11 -15.21 -3.49
C ALA B 174 -29.49 -15.92 -2.30
N VAL B 175 -28.23 -15.62 -1.98
CA VAL B 175 -27.59 -16.17 -0.78
C VAL B 175 -27.03 -15.06 0.11
N GLY B 176 -27.12 -15.27 1.43
CA GLY B 176 -26.48 -14.36 2.40
C GLY B 176 -25.17 -15.02 2.79
N VAL B 177 -24.06 -14.34 2.59
CA VAL B 177 -22.75 -14.95 2.88
C VAL B 177 -22.02 -14.12 3.92
N GLY B 178 -21.64 -14.77 5.02
CA GLY B 178 -20.91 -14.12 6.08
C GLY B 178 -19.43 -14.44 6.08
N SER B 179 -19.00 -15.28 7.01
CA SER B 179 -17.56 -15.53 7.17
C SER B 179 -16.81 -16.09 5.96
N ALA B 180 -17.43 -16.95 5.13
CA ALA B 180 -16.76 -17.45 3.91
C ALA B 180 -16.35 -16.29 3.01
N LEU B 181 -17.08 -15.18 3.09
CA LEU B 181 -16.81 -13.98 2.31
C LEU B 181 -15.99 -12.91 3.06
N VAL B 182 -16.36 -12.66 4.31
CA VAL B 182 -15.98 -11.44 5.04
C VAL B 182 -14.71 -11.63 5.90
N LYS B 183 -14.33 -12.88 6.17
CA LYS B 183 -13.15 -13.15 6.98
C LYS B 183 -11.89 -12.93 6.16
N GLY B 184 -10.90 -12.28 6.78
CA GLY B 184 -9.59 -12.13 6.13
C GLY B 184 -9.17 -10.67 5.97
N THR B 185 -8.05 -10.47 5.29
CA THR B 185 -7.57 -9.11 5.01
C THR B 185 -8.48 -8.50 3.92
N PRO B 186 -8.54 -7.16 3.82
CA PRO B 186 -9.38 -6.54 2.78
C PRO B 186 -9.12 -7.10 1.39
N ASP B 187 -7.84 -7.34 1.07
CA ASP B 187 -7.42 -7.88 -0.24
C ASP B 187 -8.03 -9.27 -0.44
N GLU B 188 -7.99 -10.08 0.61
CA GLU B 188 -8.55 -11.43 0.58
C GLU B 188 -10.07 -11.36 0.39
N VAL B 189 -10.70 -10.44 1.12
CA VAL B 189 -12.16 -10.34 1.04
C VAL B 189 -12.61 -9.91 -0.37
N ARG B 190 -11.86 -8.98 -0.96
CA ARG B 190 -12.18 -8.50 -2.31
C ARG B 190 -12.10 -9.61 -3.35
N GLU B 191 -11.08 -10.44 -3.24
CA GLU B 191 -10.94 -11.56 -4.20
C GLU B 191 -11.96 -12.63 -3.94
N LYS B 192 -12.36 -12.83 -2.69
CA LYS B 192 -13.46 -13.79 -2.45
C LYS B 192 -14.76 -13.29 -3.02
N ALA B 193 -15.00 -11.98 -2.93
CA ALA B 193 -16.23 -11.37 -3.45
C ALA B 193 -16.24 -11.59 -4.96
N LYS B 194 -15.10 -11.37 -5.60
CA LYS B 194 -14.94 -11.59 -7.06
C LYS B 194 -15.23 -13.04 -7.40
N ALA B 195 -14.71 -13.94 -6.56
CA ALA B 195 -14.91 -15.36 -6.73
C ALA B 195 -16.38 -15.71 -6.61
N PHE B 196 -17.06 -15.21 -5.57
CA PHE B 196 -18.50 -15.51 -5.43
C PHE B 196 -19.31 -14.99 -6.61
N VAL B 197 -19.07 -13.75 -7.05
CA VAL B 197 -19.85 -13.17 -8.16
C VAL B 197 -19.66 -14.04 -9.45
N GLU B 198 -18.42 -14.46 -9.74
CA GLU B 198 -18.13 -15.31 -10.93
C GLU B 198 -18.84 -16.67 -10.88
N LYS B 199 -18.77 -17.28 -9.71
CA LYS B 199 -19.29 -18.63 -9.50
C LYS B 199 -20.81 -18.59 -9.61
N ILE B 200 -21.41 -17.57 -9.02
CA ILE B 200 -22.87 -17.42 -9.11
C ILE B 200 -23.37 -17.14 -10.53
N ARG B 201 -22.69 -16.25 -11.25
CA ARG B 201 -22.98 -15.97 -12.67
C ARG B 201 -22.91 -17.25 -13.50
N GLY B 202 -21.92 -18.09 -13.20
CA GLY B 202 -21.74 -19.39 -13.82
C GLY B 202 -22.85 -20.40 -13.62
N CYS B 203 -23.34 -20.56 -12.40
CA CYS B 203 -24.44 -21.49 -12.22
C CYS B 203 -25.78 -20.77 -12.34
N MET C 3 -28.60 -21.61 39.23
CA MET C 3 -28.22 -22.76 38.36
C MET C 3 -27.18 -22.39 37.34
N GLU C 4 -27.24 -21.16 36.83
CA GLU C 4 -26.27 -20.76 35.82
C GLU C 4 -24.90 -21.20 36.28
N GLU C 5 -24.55 -20.86 37.51
CA GLU C 5 -23.21 -21.06 38.00
C GLU C 5 -22.96 -22.54 38.27
N LEU C 6 -24.01 -23.27 38.63
CA LEU C 6 -23.89 -24.70 38.85
C LEU C 6 -23.65 -25.48 37.56
N PHE C 7 -24.39 -25.12 36.51
CA PHE C 7 -24.20 -25.69 35.16
C PHE C 7 -22.82 -25.46 34.65
N LYS C 8 -22.36 -24.22 34.82
CA LYS C 8 -21.02 -23.77 34.46
C LYS C 8 -19.93 -24.60 35.14
N LYS C 9 -20.13 -24.91 36.42
CA LYS C 9 -19.16 -25.63 37.23
C LYS C 9 -19.15 -27.14 36.95
N HIS C 10 -20.33 -27.73 36.80
CA HIS C 10 -20.44 -29.18 36.70
C HIS C 10 -20.43 -29.68 35.25
N LYS C 11 -20.97 -28.87 34.33
CA LYS C 11 -20.86 -29.11 32.88
C LYS C 11 -21.64 -30.28 32.32
N ILE C 12 -22.24 -31.09 33.19
CA ILE C 12 -22.97 -32.25 32.76
C ILE C 12 -24.18 -32.48 33.66
N VAL C 13 -25.30 -32.78 33.01
CA VAL C 13 -26.53 -33.09 33.69
C VAL C 13 -26.92 -34.45 33.16
N ALA C 14 -27.17 -35.37 34.06
CA ALA C 14 -27.70 -36.66 33.70
C ALA C 14 -29.18 -36.56 33.49
N VAL C 15 -29.61 -36.95 32.30
CA VAL C 15 -31.03 -36.95 31.95
C VAL C 15 -31.49 -38.39 32.14
N LEU C 16 -32.26 -38.60 33.20
CA LEU C 16 -32.51 -39.94 33.71
C LEU C 16 -33.88 -40.40 33.29
N ARG C 17 -33.92 -41.27 32.27
CA ARG C 17 -35.13 -42.02 31.95
C ARG C 17 -34.93 -43.45 32.45
N ALA C 18 -36.03 -44.07 32.90
CA ALA C 18 -36.04 -45.38 33.56
C ALA C 18 -37.46 -45.90 33.59
N ASN C 19 -37.62 -47.21 33.77
CA ASN C 19 -38.93 -47.85 33.77
C ASN C 19 -39.57 -47.96 35.15
N SER C 20 -38.85 -47.61 36.20
CA SER C 20 -39.39 -47.77 37.57
C SER C 20 -38.76 -46.77 38.51
N VAL C 21 -39.39 -46.55 39.66
CA VAL C 21 -38.83 -45.73 40.75
C VAL C 21 -37.48 -46.27 41.19
N GLU C 22 -37.43 -47.57 41.39
CA GLU C 22 -36.25 -48.22 41.89
C GLU C 22 -35.09 -48.11 40.92
N GLU C 23 -35.35 -48.29 39.64
CA GLU C 23 -34.30 -48.19 38.62
C GLU C 23 -33.78 -46.75 38.55
N ALA C 24 -34.72 -45.81 38.58
CA ALA C 24 -34.37 -44.37 38.52
C ALA C 24 -33.49 -43.97 39.71
N LYS C 25 -33.90 -44.38 40.93
CA LYS C 25 -33.07 -44.07 42.09
C LYS C 25 -31.66 -44.68 42.03
N GLU C 26 -31.58 -45.96 41.64
CA GLU C 26 -30.30 -46.64 41.53
C GLU C 26 -29.39 -45.98 40.50
N LYS C 27 -29.96 -45.57 39.36
CA LYS C 27 -29.17 -44.88 38.34
C LYS C 27 -28.74 -43.48 38.81
N ALA C 28 -29.59 -42.79 39.58
CA ALA C 28 -29.22 -41.45 40.07
C ALA C 28 -28.07 -41.55 41.07
N LEU C 29 -28.10 -42.58 41.92
CA LEU C 29 -27.00 -42.87 42.82
C LEU C 29 -25.73 -43.27 42.04
N ALA C 30 -25.89 -44.16 41.06
CA ALA C 30 -24.75 -44.56 40.21
C ALA C 30 -24.03 -43.34 39.66
N VAL C 31 -24.79 -42.50 38.95
CA VAL C 31 -24.31 -41.28 38.35
C VAL C 31 -23.61 -40.33 39.35
N PHE C 32 -24.24 -40.12 40.51
CA PHE C 32 -23.68 -39.27 41.56
C PHE C 32 -22.36 -39.87 42.08
N GLU C 33 -22.38 -41.17 42.34
CA GLU C 33 -21.19 -41.88 42.82
C GLU C 33 -20.06 -41.77 41.81
N GLY C 34 -20.41 -41.65 40.52
CA GLY C 34 -19.42 -41.45 39.46
C GLY C 34 -19.04 -40.02 39.17
N GLY C 35 -19.58 -39.08 39.94
CA GLY C 35 -19.13 -37.68 39.87
C GLY C 35 -20.06 -36.70 39.19
N VAL C 36 -21.26 -37.14 38.84
CA VAL C 36 -22.23 -36.25 38.21
C VAL C 36 -23.16 -35.70 39.28
N HIS C 37 -23.09 -34.38 39.50
CA HIS C 37 -23.85 -33.73 40.56
C HIS C 37 -25.23 -33.21 40.11
N LEU C 38 -25.40 -32.95 38.82
CA LEU C 38 -26.68 -32.42 38.33
C LEU C 38 -27.50 -33.56 37.79
N ILE C 39 -28.64 -33.80 38.43
CA ILE C 39 -29.41 -34.97 38.08
C ILE C 39 -30.82 -34.55 37.76
N GLU C 40 -31.24 -34.87 36.54
CA GLU C 40 -32.54 -34.49 36.04
C GLU C 40 -33.44 -35.73 35.99
N ILE C 41 -34.43 -35.79 36.86
CA ILE C 41 -35.39 -36.90 36.84
C ILE C 41 -36.50 -36.57 35.87
N THR C 42 -36.56 -37.25 34.73
CA THR C 42 -37.57 -36.94 33.75
C THR C 42 -38.95 -37.46 34.19
N PHE C 43 -39.99 -36.78 33.72
CA PHE C 43 -41.33 -37.16 34.07
C PHE C 43 -41.88 -38.37 33.30
N THR C 44 -41.05 -38.93 32.43
CA THR C 44 -41.35 -40.26 31.86
C THR C 44 -41.01 -41.38 32.83
N VAL C 45 -40.26 -41.08 33.90
CA VAL C 45 -40.06 -42.02 35.00
C VAL C 45 -41.40 -42.15 35.74
N PRO C 46 -41.87 -43.39 35.96
CA PRO C 46 -43.10 -43.59 36.77
C PRO C 46 -42.92 -42.94 38.15
N ASP C 47 -43.91 -42.17 38.60
CA ASP C 47 -43.86 -41.57 39.94
C ASP C 47 -42.57 -40.76 40.10
N ALA C 48 -42.28 -39.95 39.09
CA ALA C 48 -41.02 -39.16 39.05
C ALA C 48 -40.89 -38.24 40.29
N ASP C 49 -42.04 -37.72 40.70
CA ASP C 49 -42.35 -37.08 41.96
C ASP C 49 -41.73 -37.73 43.20
N THR C 50 -42.05 -39.00 43.37
CA THR C 50 -41.56 -39.78 44.49
C THR C 50 -40.06 -39.94 44.40
N VAL C 51 -39.54 -40.22 43.19
CA VAL C 51 -38.10 -40.38 43.01
C VAL C 51 -37.35 -39.11 43.47
N ILE C 52 -37.79 -37.93 43.00
CA ILE C 52 -37.18 -36.66 43.42
C ILE C 52 -37.24 -36.50 44.97
N LYS C 53 -38.40 -36.80 45.56
CA LYS C 53 -38.53 -36.72 47.02
C LYS C 53 -37.60 -37.68 47.74
N GLU C 54 -37.54 -38.92 47.27
CA GLU C 54 -36.65 -39.91 47.92
C GLU C 54 -35.14 -39.65 47.71
N LEU C 55 -34.79 -38.85 46.71
CA LEU C 55 -33.38 -38.43 46.47
C LEU C 55 -33.04 -37.11 47.16
N SER C 56 -34.04 -36.47 47.76
CA SER C 56 -33.86 -35.20 48.49
C SER C 56 -32.65 -35.19 49.46
N PHE C 57 -32.39 -36.33 50.11
CA PHE C 57 -31.25 -36.44 51.02
C PHE C 57 -29.89 -36.27 50.34
N LEU C 58 -29.81 -36.65 49.06
CA LEU C 58 -28.57 -36.49 48.30
C LEU C 58 -28.18 -35.03 48.14
N LYS C 59 -29.16 -34.14 48.25
CA LYS C 59 -28.90 -32.71 48.30
C LYS C 59 -27.93 -32.37 49.42
N GLU C 60 -28.03 -33.07 50.55
CA GLU C 60 -27.11 -32.88 51.70
C GLU C 60 -25.68 -33.32 51.38
N LYS C 61 -25.54 -34.15 50.35
CA LYS C 61 -24.22 -34.55 49.84
C LYS C 61 -23.81 -33.72 48.63
N GLY C 62 -24.61 -32.72 48.31
CA GLY C 62 -24.26 -31.76 47.26
C GLY C 62 -24.85 -32.05 45.90
N ALA C 63 -25.69 -33.08 45.80
CA ALA C 63 -26.41 -33.36 44.55
C ALA C 63 -27.43 -32.28 44.26
N ILE C 64 -27.64 -31.98 42.97
CA ILE C 64 -28.64 -31.03 42.60
C ILE C 64 -29.64 -31.80 41.76
N ILE C 65 -30.82 -32.01 42.33
CA ILE C 65 -31.88 -32.83 41.75
C ILE C 65 -32.98 -31.96 41.14
N GLY C 66 -33.25 -32.15 39.85
CA GLY C 66 -34.27 -31.41 39.17
C GLY C 66 -35.19 -32.36 38.47
N ALA C 67 -36.07 -31.80 37.68
CA ALA C 67 -37.04 -32.55 36.91
C ALA C 67 -36.92 -32.22 35.43
N GLY C 68 -37.13 -33.22 34.59
CA GLY C 68 -37.11 -33.01 33.13
C GLY C 68 -38.39 -33.54 32.50
N THR C 69 -38.52 -33.35 31.18
CA THR C 69 -39.72 -33.77 30.42
C THR C 69 -40.99 -33.23 31.10
N VAL C 70 -40.88 -32.00 31.58
CA VAL C 70 -42.01 -31.34 32.21
C VAL C 70 -42.85 -30.68 31.14
N THR C 71 -44.09 -31.13 30.99
CA THR C 71 -44.94 -30.70 29.88
C THR C 71 -46.25 -30.02 30.25
N SER C 72 -46.53 -29.90 31.56
CA SER C 72 -47.69 -29.16 32.02
C SER C 72 -47.36 -28.48 33.34
N VAL C 73 -48.15 -27.49 33.71
CA VAL C 73 -47.93 -26.81 34.98
C VAL C 73 -48.24 -27.75 36.16
N GLU C 74 -49.17 -28.68 35.97
CA GLU C 74 -49.48 -29.65 37.01
C GLU C 74 -48.29 -30.50 37.37
N GLN C 75 -47.52 -30.92 36.35
CA GLN C 75 -46.29 -31.70 36.55
C GLN C 75 -45.24 -30.83 37.20
N CYS C 76 -45.16 -29.58 36.73
CA CYS C 76 -44.23 -28.63 37.30
C CYS C 76 -44.48 -28.42 38.80
N ARG C 77 -45.74 -28.25 39.19
CA ARG C 77 -46.11 -28.11 40.60
C ARG C 77 -45.67 -29.32 41.43
N LYS C 78 -45.99 -30.52 40.97
CA LYS C 78 -45.56 -31.74 41.69
C LYS C 78 -44.06 -31.84 41.88
N ALA C 79 -43.30 -31.57 40.81
CA ALA C 79 -41.84 -31.59 40.89
C ALA C 79 -41.30 -30.61 41.94
N VAL C 80 -41.74 -29.35 41.85
CA VAL C 80 -41.33 -28.32 42.83
C VAL C 80 -41.74 -28.70 44.27
N GLU C 81 -42.98 -29.19 44.43
CA GLU C 81 -43.52 -29.64 45.72
C GLU C 81 -42.66 -30.73 46.30
N SER C 82 -42.08 -31.56 45.42
CA SER C 82 -41.25 -32.69 45.89
C SER C 82 -39.76 -32.36 46.01
N GLY C 83 -39.40 -31.09 45.78
CA GLY C 83 -38.03 -30.64 46.03
C GLY C 83 -37.14 -30.40 44.83
N ALA C 84 -37.72 -30.40 43.63
CA ALA C 84 -36.92 -30.11 42.44
C ALA C 84 -36.31 -28.72 42.52
N GLU C 85 -35.01 -28.66 42.27
CA GLU C 85 -34.24 -27.43 42.32
C GLU C 85 -34.16 -26.75 40.97
N PHE C 86 -34.59 -27.47 39.92
CA PHE C 86 -34.62 -26.89 38.57
C PHE C 86 -35.62 -27.69 37.72
N ILE C 87 -36.21 -27.03 36.72
CA ILE C 87 -37.19 -27.63 35.80
C ILE C 87 -36.65 -27.55 34.36
N VAL C 88 -36.75 -28.65 33.63
CA VAL C 88 -36.30 -28.74 32.24
C VAL C 88 -37.46 -29.28 31.42
N SER C 89 -37.66 -28.73 30.23
CA SER C 89 -38.61 -29.31 29.30
C SER C 89 -37.99 -29.50 27.92
N PRO C 90 -38.56 -30.42 27.09
CA PRO C 90 -38.01 -30.51 25.71
C PRO C 90 -38.37 -29.33 24.80
N HIS C 91 -39.41 -28.59 25.17
CA HIS C 91 -40.00 -27.52 24.36
C HIS C 91 -40.02 -26.18 25.12
N LEU C 92 -40.47 -25.11 24.47
CA LEU C 92 -40.63 -23.85 25.19
C LEU C 92 -42.07 -23.74 25.61
N ASP C 93 -42.31 -23.67 26.92
CA ASP C 93 -43.67 -23.62 27.46
C ASP C 93 -43.89 -22.29 28.22
N GLU C 94 -44.69 -21.38 27.65
CA GLU C 94 -44.96 -20.08 28.28
C GLU C 94 -45.57 -20.24 29.67
N GLU C 95 -46.47 -21.22 29.83
CA GLU C 95 -47.17 -21.43 31.09
C GLU C 95 -46.23 -21.92 32.19
N ILE C 96 -45.32 -22.81 31.79
CA ILE C 96 -44.30 -23.30 32.74
C ILE C 96 -43.29 -22.18 33.04
N SER C 97 -42.89 -21.42 32.02
CA SER C 97 -42.04 -20.24 32.24
C SER C 97 -42.62 -19.33 33.36
N GLN C 98 -43.89 -18.94 33.20
CA GLN C 98 -44.57 -18.05 34.15
C GLN C 98 -44.70 -18.61 35.57
N PHE C 99 -45.15 -19.86 35.68
CA PHE C 99 -45.18 -20.56 36.95
C PHE C 99 -43.83 -20.61 37.67
N CYS C 100 -42.77 -20.93 36.93
CA CYS C 100 -41.43 -21.02 37.51
C CYS C 100 -40.91 -19.64 37.91
N LYS C 101 -41.30 -18.61 37.15
CA LYS C 101 -40.98 -17.24 37.51
C LYS C 101 -41.60 -16.79 38.84
N GLU C 102 -42.87 -17.08 39.03
CA GLU C 102 -43.58 -16.73 40.26
C GLU C 102 -43.09 -17.54 41.45
N LYS C 103 -42.76 -18.81 41.18
CA LYS C 103 -42.31 -19.75 42.21
C LYS C 103 -40.84 -19.57 42.57
N GLY C 104 -40.12 -18.82 41.75
CA GLY C 104 -38.68 -18.60 41.94
C GLY C 104 -37.81 -19.85 41.77
N VAL C 105 -38.09 -20.62 40.71
CA VAL C 105 -37.36 -21.86 40.42
C VAL C 105 -36.81 -21.76 39.00
N PHE C 106 -35.58 -22.23 38.81
CA PHE C 106 -34.91 -22.13 37.52
C PHE C 106 -35.57 -23.06 36.50
N TYR C 107 -35.92 -22.51 35.35
CA TYR C 107 -36.52 -23.24 34.23
C TYR C 107 -35.65 -23.11 32.99
N MET C 108 -35.33 -24.26 32.42
CA MET C 108 -34.59 -24.31 31.17
C MET C 108 -35.47 -24.92 30.09
N PRO C 109 -36.12 -24.09 29.27
CA PRO C 109 -36.93 -24.60 28.18
C PRO C 109 -36.02 -25.10 27.05
N GLY C 110 -36.52 -26.08 26.30
CA GLY C 110 -35.88 -26.52 25.06
C GLY C 110 -36.35 -25.77 23.83
N VAL C 111 -35.41 -25.53 22.94
CA VAL C 111 -35.62 -24.77 21.77
C VAL C 111 -34.83 -25.49 20.63
N MET C 112 -35.27 -25.27 19.41
CA MET C 112 -34.67 -25.85 18.21
C MET C 112 -34.49 -24.88 17.06
N THR C 113 -35.06 -23.68 17.17
CA THR C 113 -35.00 -22.72 16.07
C THR C 113 -34.64 -21.33 16.57
N PRO C 114 -34.11 -20.46 15.69
CA PRO C 114 -33.96 -19.03 16.06
C PRO C 114 -35.23 -18.32 16.57
N THR C 115 -36.37 -18.62 15.99
CA THR C 115 -37.62 -18.01 16.45
C THR C 115 -37.99 -18.48 17.85
N GLU C 116 -37.86 -19.78 18.12
CA GLU C 116 -38.08 -20.30 19.46
C GLU C 116 -37.13 -19.70 20.49
N LEU C 117 -35.86 -19.60 20.10
CA LEU C 117 -34.82 -18.98 20.90
C LEU C 117 -35.25 -17.56 21.27
N VAL C 118 -35.68 -16.78 20.28
CA VAL C 118 -36.01 -15.38 20.56
C VAL C 118 -37.21 -15.27 21.51
N LYS C 119 -38.26 -16.06 21.25
CA LYS C 119 -39.38 -16.12 22.17
C LYS C 119 -38.94 -16.45 23.62
N ALA C 120 -38.03 -17.41 23.78
CA ALA C 120 -37.54 -17.77 25.12
C ALA C 120 -36.79 -16.58 25.77
N MET C 121 -35.93 -15.93 25.00
CA MET C 121 -35.26 -14.68 25.49
C MET C 121 -36.26 -13.62 25.94
N LYS C 122 -37.31 -13.39 25.15
CA LYS C 122 -38.39 -12.48 25.53
C LYS C 122 -39.15 -12.87 26.80
N LEU C 123 -39.01 -14.13 27.21
CA LEU C 123 -39.62 -14.61 28.44
C LEU C 123 -38.62 -14.62 29.59
N GLY C 124 -37.40 -14.16 29.29
CA GLY C 124 -36.38 -13.90 30.28
C GLY C 124 -35.28 -14.95 30.36
N HIS C 125 -35.23 -15.87 29.38
CA HIS C 125 -34.28 -17.00 29.46
C HIS C 125 -33.05 -16.75 28.61
N THR C 126 -31.88 -17.04 29.14
CA THR C 126 -30.67 -16.95 28.30
C THR C 126 -29.88 -18.26 28.31
N ILE C 127 -30.27 -19.18 29.18
CA ILE C 127 -29.69 -20.53 29.15
C ILE C 127 -30.78 -21.46 28.63
N LEU C 128 -30.49 -22.04 27.47
CA LEU C 128 -31.50 -22.81 26.76
C LEU C 128 -31.08 -24.26 26.55
N LYS C 129 -32.03 -25.16 26.76
CA LYS C 129 -31.79 -26.52 26.32
C LYS C 129 -31.87 -26.56 24.79
N LEU C 130 -30.87 -27.15 24.15
CA LEU C 130 -30.96 -27.31 22.67
C LEU C 130 -31.37 -28.75 22.43
N PHE C 131 -32.54 -28.98 21.84
CA PHE C 131 -33.05 -30.36 21.72
C PHE C 131 -33.86 -30.49 20.45
N PRO C 132 -33.60 -31.56 19.64
CA PRO C 132 -32.62 -32.65 19.85
C PRO C 132 -31.25 -32.29 19.26
N GLY C 133 -30.23 -32.35 20.10
CA GLY C 133 -28.86 -31.98 19.68
C GLY C 133 -28.33 -32.78 18.50
N GLU C 134 -28.66 -34.06 18.43
CA GLU C 134 -28.23 -34.92 17.32
C GLU C 134 -28.80 -34.52 15.95
N VAL C 135 -29.84 -33.70 15.94
CA VAL C 135 -30.43 -33.25 14.68
C VAL C 135 -29.77 -31.97 14.21
N VAL C 136 -29.48 -31.10 15.16
CA VAL C 136 -29.17 -29.70 14.85
C VAL C 136 -27.63 -29.51 14.96
N GLY C 137 -27.05 -30.31 15.85
CA GLY C 137 -25.58 -30.41 16.05
C GLY C 137 -24.86 -29.20 16.62
N PRO C 138 -23.55 -29.34 16.87
CA PRO C 138 -22.68 -28.22 17.19
C PRO C 138 -22.78 -27.08 16.18
N GLN C 139 -23.01 -27.40 14.91
CA GLN C 139 -23.17 -26.44 13.85
C GLN C 139 -24.19 -25.38 14.24
N PHE C 140 -25.28 -25.82 14.87
CA PHE C 140 -26.35 -24.91 15.24
C PHE C 140 -25.83 -23.99 16.32
N VAL C 141 -25.13 -24.56 17.28
CA VAL C 141 -24.59 -23.77 18.40
C VAL C 141 -23.62 -22.68 17.85
N LYS C 142 -22.73 -23.10 16.96
CA LYS C 142 -21.82 -22.12 16.36
C LYS C 142 -22.53 -21.03 15.58
N ALA C 143 -23.58 -21.40 14.83
CA ALA C 143 -24.39 -20.44 14.04
C ALA C 143 -25.08 -19.40 14.91
N MET C 144 -25.51 -19.81 16.10
CA MET C 144 -26.22 -18.90 17.01
C MET C 144 -25.29 -17.87 17.63
N LYS C 145 -23.98 -18.16 17.67
CA LYS C 145 -23.01 -17.24 18.31
C LYS C 145 -22.95 -15.90 17.58
N GLY C 146 -23.10 -15.94 16.26
CA GLY C 146 -23.11 -14.73 15.45
C GLY C 146 -24.20 -13.77 15.91
N PRO C 147 -25.48 -14.11 15.64
CA PRO C 147 -26.56 -13.19 16.00
C PRO C 147 -26.91 -13.11 17.46
N PHE C 148 -26.59 -14.14 18.25
CA PHE C 148 -27.06 -14.18 19.63
C PHE C 148 -25.88 -14.52 20.50
N PRO C 149 -24.89 -13.60 20.56
CA PRO C 149 -23.68 -13.91 21.30
C PRO C 149 -23.90 -14.22 22.78
N ASN C 150 -24.99 -13.73 23.36
CA ASN C 150 -25.20 -13.89 24.79
C ASN C 150 -26.14 -15.02 25.23
N VAL C 151 -26.60 -15.83 24.28
CA VAL C 151 -27.34 -17.04 24.58
C VAL C 151 -26.40 -18.21 24.78
N LYS C 152 -26.66 -19.02 25.80
CA LYS C 152 -25.89 -20.22 25.99
C LYS C 152 -26.76 -21.47 25.98
N PHE C 153 -26.22 -22.53 25.36
CA PHE C 153 -26.97 -23.78 25.18
C PHE C 153 -26.46 -24.93 26.04
N VAL C 154 -27.41 -25.79 26.42
CA VAL C 154 -27.17 -27.09 27.00
C VAL C 154 -27.86 -28.10 26.11
N PRO C 155 -27.12 -28.68 25.18
CA PRO C 155 -27.69 -29.66 24.29
C PRO C 155 -28.03 -30.94 24.99
N THR C 156 -29.17 -31.50 24.62
CA THR C 156 -29.56 -32.84 25.02
C THR C 156 -29.86 -33.58 23.74
N GLY C 157 -29.43 -34.83 23.65
CA GLY C 157 -29.81 -35.69 22.54
C GLY C 157 -28.54 -36.15 21.84
N GLY C 158 -28.20 -37.44 22.01
CA GLY C 158 -27.05 -38.02 21.34
C GLY C 158 -25.64 -37.63 21.81
N VAL C 159 -25.53 -36.82 22.87
CA VAL C 159 -24.22 -36.42 23.36
C VAL C 159 -23.55 -37.71 23.83
N ASN C 160 -22.32 -37.95 23.40
CA ASN C 160 -21.62 -39.17 23.85
C ASN C 160 -20.13 -38.94 24.01
N LEU C 161 -19.42 -40.02 24.27
CA LEU C 161 -18.00 -39.93 24.57
C LEU C 161 -17.18 -39.42 23.42
N ASP C 162 -17.60 -39.71 22.19
CA ASP C 162 -16.86 -39.29 20.99
C ASP C 162 -17.11 -37.85 20.60
N ASN C 163 -18.28 -37.33 20.93
CA ASN C 163 -18.61 -35.96 20.48
C ASN C 163 -18.69 -34.89 21.58
N VAL C 164 -18.56 -35.30 22.84
CA VAL C 164 -18.73 -34.35 23.91
C VAL C 164 -17.79 -33.17 23.81
N CYS C 165 -16.54 -33.43 23.41
CA CYS C 165 -15.57 -32.35 23.27
C CYS C 165 -15.87 -31.41 22.10
N GLU C 166 -16.41 -31.92 20.98
CA GLU C 166 -16.84 -31.05 19.88
C GLU C 166 -17.92 -30.06 20.35
N TRP C 167 -18.84 -30.56 21.16
CA TRP C 167 -19.91 -29.72 21.69
C TRP C 167 -19.32 -28.58 22.49
N PHE C 168 -18.36 -28.89 23.35
CA PHE C 168 -17.73 -27.85 24.14
C PHE C 168 -16.89 -26.88 23.29
N LYS C 169 -16.26 -27.42 22.25
CA LYS C 169 -15.61 -26.56 21.24
C LYS C 169 -16.58 -25.58 20.54
N ALA C 170 -17.83 -25.98 20.35
CA ALA C 170 -18.80 -25.11 19.68
C ALA C 170 -19.25 -23.94 20.54
N GLY C 171 -19.01 -24.05 21.84
CA GLY C 171 -19.41 -23.01 22.77
C GLY C 171 -20.56 -23.32 23.73
N VAL C 172 -20.88 -24.60 23.98
CA VAL C 172 -21.98 -24.91 24.93
C VAL C 172 -21.57 -24.66 26.37
N LEU C 173 -22.57 -24.36 27.19
CA LEU C 173 -22.40 -24.11 28.60
C LEU C 173 -22.26 -25.40 29.40
N ALA C 174 -23.10 -26.40 29.09
CA ALA C 174 -23.00 -27.72 29.71
C ALA C 174 -23.61 -28.69 28.71
N VAL C 175 -23.58 -30.00 29.00
CA VAL C 175 -24.29 -30.98 28.14
C VAL C 175 -25.27 -31.79 28.99
N GLY C 176 -26.39 -32.19 28.40
CA GLY C 176 -27.31 -33.12 29.06
C GLY C 176 -27.15 -34.48 28.40
N VAL C 177 -26.81 -35.49 29.19
CA VAL C 177 -26.50 -36.80 28.66
C VAL C 177 -27.51 -37.81 29.17
N GLY C 178 -28.21 -38.46 28.25
CA GLY C 178 -29.20 -39.46 28.60
C GLY C 178 -28.61 -40.85 28.41
N SER C 179 -29.06 -41.55 27.36
CA SER C 179 -28.79 -42.97 27.18
C SER C 179 -27.30 -43.35 27.18
N ALA C 180 -26.43 -42.50 26.62
CA ALA C 180 -24.98 -42.80 26.67
C ALA C 180 -24.45 -42.93 28.10
N LEU C 181 -25.13 -42.30 29.06
CA LEU C 181 -24.67 -42.28 30.46
C LEU C 181 -25.47 -43.28 31.27
N VAL C 182 -26.79 -43.17 31.09
CA VAL C 182 -27.78 -43.72 32.01
C VAL C 182 -28.24 -45.15 31.67
N LYS C 183 -28.07 -45.59 30.42
CA LYS C 183 -28.54 -46.93 30.04
C LYS C 183 -27.55 -48.02 30.48
N GLY C 184 -28.06 -49.19 30.81
CA GLY C 184 -27.25 -50.25 31.37
C GLY C 184 -27.59 -50.53 32.83
N THR C 185 -26.75 -51.29 33.50
CA THR C 185 -26.93 -51.56 34.92
C THR C 185 -26.27 -50.43 35.72
N PRO C 186 -26.74 -50.21 36.97
CA PRO C 186 -26.08 -49.35 37.97
C PRO C 186 -24.56 -49.31 37.89
N ASP C 187 -23.92 -50.48 37.88
CA ASP C 187 -22.45 -50.56 37.79
C ASP C 187 -21.91 -49.97 36.50
N GLU C 188 -22.59 -50.27 35.40
CA GLU C 188 -22.15 -49.77 34.10
C GLU C 188 -22.35 -48.25 34.06
N VAL C 189 -23.47 -47.79 34.64
CA VAL C 189 -23.81 -46.36 34.67
C VAL C 189 -22.81 -45.56 35.52
N ARG C 190 -22.51 -46.05 36.73
CA ARG C 190 -21.50 -45.42 37.59
C ARG C 190 -20.16 -45.27 36.89
N GLU C 191 -19.78 -46.32 36.17
CA GLU C 191 -18.53 -46.32 35.39
C GLU C 191 -18.60 -45.36 34.22
N LYS C 192 -19.68 -45.38 33.47
CA LYS C 192 -19.79 -44.43 32.34
C LYS C 192 -19.78 -42.97 32.81
N ALA C 193 -20.41 -42.72 33.95
CA ALA C 193 -20.35 -41.44 34.68
C ALA C 193 -18.91 -40.96 34.89
N LYS C 194 -18.05 -41.86 35.37
CA LYS C 194 -16.63 -41.56 35.60
C LYS C 194 -15.94 -41.17 34.30
N ALA C 195 -16.19 -41.96 33.25
CA ALA C 195 -15.60 -41.72 31.91
C ALA C 195 -15.96 -40.35 31.35
N PHE C 196 -17.25 -39.98 31.42
CA PHE C 196 -17.69 -38.64 30.98
C PHE C 196 -17.04 -37.48 31.73
N VAL C 197 -16.94 -37.60 33.05
CA VAL C 197 -16.30 -36.56 33.84
C VAL C 197 -14.85 -36.37 33.39
N GLU C 198 -14.13 -37.49 33.19
CA GLU C 198 -12.71 -37.48 32.78
C GLU C 198 -12.56 -36.97 31.37
N LYS C 199 -13.38 -37.48 30.44
CA LYS C 199 -13.40 -36.98 29.08
C LYS C 199 -13.71 -35.47 29.01
N ILE C 200 -14.66 -34.98 29.81
CA ILE C 200 -14.96 -33.54 29.86
C ILE C 200 -13.80 -32.73 30.45
N ARG C 201 -13.24 -33.21 31.56
CA ARG C 201 -12.08 -32.56 32.14
C ARG C 201 -10.98 -32.52 31.10
N GLY C 202 -10.74 -33.67 30.46
CA GLY C 202 -9.79 -33.80 29.35
C GLY C 202 -9.97 -32.84 28.19
N CYS C 203 -11.10 -32.15 28.12
CA CYS C 203 -11.23 -31.01 27.22
C CYS C 203 -11.78 -29.80 27.97
N LYS D 2 37.38 49.81 -31.50
CA LYS D 2 38.85 49.89 -31.74
C LYS D 2 39.53 48.52 -31.50
N MET D 3 39.69 48.10 -30.25
CA MET D 3 40.38 46.84 -29.95
C MET D 3 39.74 45.60 -30.56
N GLU D 4 38.42 45.44 -30.44
CA GLU D 4 37.75 44.31 -31.06
C GLU D 4 38.17 44.09 -32.53
N GLU D 5 38.22 45.18 -33.30
CA GLU D 5 38.55 45.09 -34.74
C GLU D 5 40.00 44.68 -34.93
N LEU D 6 40.89 45.22 -34.10
CA LEU D 6 42.29 44.86 -34.10
C LEU D 6 42.51 43.39 -33.73
N PHE D 7 41.81 42.93 -32.70
CA PHE D 7 41.80 41.51 -32.33
C PHE D 7 41.32 40.64 -33.51
N LYS D 8 40.24 41.05 -34.14
CA LYS D 8 39.65 40.26 -35.21
C LYS D 8 40.59 40.15 -36.40
N LYS D 9 41.23 41.27 -36.74
CA LYS D 9 42.15 41.36 -37.87
C LYS D 9 43.45 40.59 -37.63
N HIS D 10 44.04 40.78 -36.45
CA HIS D 10 45.39 40.30 -36.18
C HIS D 10 45.44 38.89 -35.58
N LYS D 11 44.39 38.53 -34.86
CA LYS D 11 44.08 37.15 -34.44
C LYS D 11 45.02 36.50 -33.42
N ILE D 12 46.19 37.09 -33.20
CA ILE D 12 47.15 36.52 -32.24
C ILE D 12 47.78 37.65 -31.41
N VAL D 13 47.81 37.43 -30.09
CA VAL D 13 48.52 38.31 -29.18
C VAL D 13 49.70 37.52 -28.59
N ALA D 14 50.92 38.06 -28.70
CA ALA D 14 52.05 37.51 -27.98
C ALA D 14 51.97 37.90 -26.48
N VAL D 15 51.98 36.87 -25.64
CA VAL D 15 51.97 37.07 -24.20
C VAL D 15 53.44 37.00 -23.74
N LEU D 16 54.03 38.17 -23.66
CA LEU D 16 55.44 38.26 -23.60
C LEU D 16 55.91 38.21 -22.13
N ARG D 17 56.48 37.08 -21.77
CA ARG D 17 57.19 36.91 -20.48
C ARG D 17 58.71 36.86 -20.73
N ALA D 18 59.49 37.40 -19.79
CA ALA D 18 60.93 37.51 -19.94
C ALA D 18 61.52 37.83 -18.56
N ASN D 19 62.83 37.61 -18.42
CA ASN D 19 63.54 37.83 -17.17
C ASN D 19 64.27 39.16 -17.14
N SER D 20 64.15 39.96 -18.19
CA SER D 20 64.81 41.26 -18.21
C SER D 20 64.18 42.19 -19.24
N VAL D 21 64.44 43.50 -19.09
CA VAL D 21 63.93 44.48 -20.03
C VAL D 21 64.50 44.20 -21.42
N GLU D 22 65.79 43.89 -21.48
CA GLU D 22 66.45 43.65 -22.77
C GLU D 22 65.83 42.44 -23.48
N GLU D 23 65.71 41.34 -22.76
CA GLU D 23 65.06 40.15 -23.33
C GLU D 23 63.65 40.47 -23.87
N ALA D 24 62.86 41.24 -23.12
CA ALA D 24 61.49 41.55 -23.51
C ALA D 24 61.46 42.43 -24.75
N LYS D 25 62.35 43.42 -24.80
CA LYS D 25 62.41 44.32 -25.96
C LYS D 25 62.82 43.55 -27.22
N GLU D 26 63.82 42.66 -27.10
CA GLU D 26 64.31 41.85 -28.22
C GLU D 26 63.24 40.89 -28.73
N LYS D 27 62.53 40.25 -27.80
CA LYS D 27 61.47 39.35 -28.18
C LYS D 27 60.27 40.05 -28.79
N ALA D 28 59.93 41.24 -28.29
CA ALA D 28 58.81 42.02 -28.84
C ALA D 28 59.08 42.36 -30.31
N LEU D 29 60.30 42.82 -30.57
CA LEU D 29 60.75 43.07 -31.94
C LEU D 29 60.69 41.82 -32.80
N ALA D 30 61.23 40.70 -32.31
CA ALA D 30 61.23 39.43 -33.04
C ALA D 30 59.83 38.95 -33.40
N VAL D 31 58.94 38.99 -32.42
CA VAL D 31 57.54 38.62 -32.59
C VAL D 31 56.95 39.48 -33.69
N PHE D 32 57.20 40.79 -33.59
CA PHE D 32 56.65 41.74 -34.52
C PHE D 32 57.16 41.51 -35.95
N GLU D 33 58.46 41.30 -36.08
CA GLU D 33 59.08 40.97 -37.35
C GLU D 33 58.52 39.71 -37.98
N GLY D 34 58.05 38.77 -37.15
CA GLY D 34 57.53 37.50 -37.63
C GLY D 34 56.07 37.63 -37.99
N GLY D 35 55.50 38.81 -37.77
CA GLY D 35 54.11 39.09 -38.17
C GLY D 35 53.09 39.23 -37.06
N VAL D 36 53.52 39.10 -35.82
CA VAL D 36 52.58 39.21 -34.69
C VAL D 36 52.54 40.67 -34.28
N HIS D 37 51.39 41.30 -34.43
CA HIS D 37 51.31 42.73 -34.26
C HIS D 37 50.74 43.15 -32.91
N LEU D 38 50.10 42.22 -32.21
CA LEU D 38 49.55 42.55 -30.90
C LEU D 38 50.47 41.95 -29.86
N ILE D 39 51.04 42.82 -29.03
CA ILE D 39 52.11 42.41 -28.13
C ILE D 39 51.76 42.86 -26.71
N GLU D 40 51.67 41.91 -25.81
CA GLU D 40 51.24 42.15 -24.44
C GLU D 40 52.48 41.94 -23.56
N ILE D 41 52.97 43.04 -23.00
CA ILE D 41 54.11 43.00 -22.10
C ILE D 41 53.55 42.69 -20.72
N THR D 42 53.87 41.51 -20.21
CA THR D 42 53.29 41.07 -18.92
C THR D 42 54.02 41.74 -17.77
N PHE D 43 53.31 41.95 -16.67
CA PHE D 43 53.92 42.61 -15.51
C PHE D 43 54.78 41.67 -14.67
N THR D 44 54.96 40.43 -15.12
CA THR D 44 55.99 39.57 -14.57
C THR D 44 57.39 39.94 -15.11
N VAL D 45 57.45 40.75 -16.16
CA VAL D 45 58.72 41.23 -16.70
C VAL D 45 59.23 42.37 -15.81
N PRO D 46 60.48 42.30 -15.36
CA PRO D 46 60.94 43.44 -14.55
C PRO D 46 60.85 44.77 -15.33
N ASP D 47 60.41 45.84 -14.68
CA ASP D 47 60.33 47.15 -15.29
C ASP D 47 59.45 47.10 -16.52
N ALA D 48 58.33 46.38 -16.45
CA ALA D 48 57.45 46.19 -17.60
C ALA D 48 56.93 47.50 -18.18
N ASP D 49 56.73 48.52 -17.33
CA ASP D 49 56.31 49.80 -17.90
C ASP D 49 57.40 50.46 -18.75
N THR D 50 58.67 50.33 -18.33
CA THR D 50 59.80 50.80 -19.13
C THR D 50 59.76 50.14 -20.51
N VAL D 51 59.54 48.84 -20.53
CA VAL D 51 59.49 48.09 -21.80
C VAL D 51 58.45 48.70 -22.76
N ILE D 52 57.23 48.92 -22.23
CA ILE D 52 56.10 49.42 -23.00
C ILE D 52 56.45 50.81 -23.54
N LYS D 53 57.02 51.64 -22.68
CA LYS D 53 57.42 52.99 -23.08
C LYS D 53 58.44 52.90 -24.20
N GLU D 54 59.44 52.05 -24.02
CA GLU D 54 60.56 51.95 -24.96
C GLU D 54 60.26 51.23 -26.27
N LEU D 55 59.06 50.70 -26.39
CA LEU D 55 58.64 49.98 -27.61
C LEU D 55 57.70 50.82 -28.47
N SER D 56 57.47 52.06 -28.06
CA SER D 56 56.57 53.00 -28.76
C SER D 56 56.99 53.20 -30.21
N PHE D 57 58.28 53.01 -30.50
CA PHE D 57 58.76 53.04 -31.89
C PHE D 57 58.06 51.96 -32.73
N LEU D 58 57.78 50.82 -32.09
CA LEU D 58 57.04 49.76 -32.77
C LEU D 58 55.64 50.20 -33.13
N LYS D 59 55.03 51.07 -32.33
CA LYS D 59 53.72 51.61 -32.66
C LYS D 59 53.81 52.35 -34.00
N GLU D 60 55.00 52.88 -34.27
CA GLU D 60 55.22 53.66 -35.50
C GLU D 60 55.24 52.71 -36.71
N LYS D 61 55.70 51.48 -36.49
CA LYS D 61 55.69 50.44 -37.53
C LYS D 61 54.37 49.66 -37.58
N GLY D 62 53.40 50.03 -36.73
CA GLY D 62 52.10 49.40 -36.75
C GLY D 62 51.87 48.33 -35.67
N ALA D 63 52.75 48.27 -34.68
CA ALA D 63 52.52 47.34 -33.57
C ALA D 63 51.53 47.94 -32.57
N ILE D 64 50.83 47.06 -31.86
CA ILE D 64 49.89 47.47 -30.83
C ILE D 64 50.42 46.85 -29.54
N ILE D 65 50.86 47.71 -28.64
CA ILE D 65 51.61 47.28 -27.45
C ILE D 65 50.71 47.44 -26.26
N GLY D 66 50.54 46.35 -25.52
CA GLY D 66 49.64 46.29 -24.37
C GLY D 66 50.35 45.79 -23.14
N ALA D 67 49.59 45.65 -22.06
CA ALA D 67 50.13 45.15 -20.78
C ALA D 67 49.33 43.95 -20.33
N GLY D 68 50.00 42.98 -19.72
CA GLY D 68 49.37 41.77 -19.26
C GLY D 68 49.79 41.44 -17.84
N THR D 69 49.19 40.39 -17.29
CA THR D 69 49.38 39.99 -15.88
C THR D 69 49.25 41.19 -14.90
N VAL D 70 48.32 42.10 -15.20
CA VAL D 70 48.08 43.26 -14.36
C VAL D 70 47.16 42.79 -13.22
N THR D 71 47.69 42.81 -12.00
CA THR D 71 46.92 42.26 -10.87
C THR D 71 46.71 43.27 -9.75
N SER D 72 47.02 44.53 -10.00
CA SER D 72 46.70 45.61 -9.09
C SER D 72 46.43 46.87 -9.90
N VAL D 73 45.74 47.83 -9.28
CA VAL D 73 45.57 49.19 -9.79
C VAL D 73 46.89 49.95 -10.00
N GLU D 74 47.90 49.67 -9.15
CA GLU D 74 49.19 50.34 -9.27
C GLU D 74 49.85 49.93 -10.59
N GLN D 75 49.82 48.63 -10.87
CA GLN D 75 50.36 48.11 -12.14
C GLN D 75 49.56 48.68 -13.32
N CYS D 76 48.23 48.64 -13.22
CA CYS D 76 47.38 49.26 -14.23
C CYS D 76 47.74 50.74 -14.48
N ARG D 77 47.99 51.51 -13.42
CA ARG D 77 48.37 52.90 -13.59
C ARG D 77 49.68 53.06 -14.35
N LYS D 78 50.68 52.26 -13.96
CA LYS D 78 51.96 52.29 -14.64
C LYS D 78 51.76 51.94 -16.10
N ALA D 79 51.00 50.89 -16.38
CA ALA D 79 50.81 50.46 -17.75
C ALA D 79 50.16 51.57 -18.57
N VAL D 80 49.07 52.13 -18.07
CA VAL D 80 48.41 53.20 -18.81
C VAL D 80 49.37 54.39 -19.01
N GLU D 81 50.07 54.79 -17.96
CA GLU D 81 50.92 55.99 -18.06
C GLU D 81 52.11 55.77 -19.01
N SER D 82 52.50 54.51 -19.22
CA SER D 82 53.59 54.23 -20.15
C SER D 82 53.10 54.07 -21.59
N GLY D 83 51.79 54.17 -21.79
CA GLY D 83 51.22 54.13 -23.13
C GLY D 83 50.60 52.82 -23.55
N ALA D 84 50.33 51.92 -22.60
CA ALA D 84 49.73 50.61 -22.93
C ALA D 84 48.43 50.85 -23.68
N GLU D 85 48.22 50.15 -24.78
CA GLU D 85 47.05 50.36 -25.63
C GLU D 85 45.87 49.47 -25.24
N PHE D 86 46.18 48.46 -24.43
CA PHE D 86 45.20 47.56 -23.85
C PHE D 86 45.78 46.95 -22.57
N ILE D 87 44.89 46.49 -21.69
CA ILE D 87 45.27 45.92 -20.38
C ILE D 87 44.66 44.54 -20.25
N VAL D 88 45.46 43.57 -19.86
CA VAL D 88 44.96 42.21 -19.66
C VAL D 88 45.34 41.69 -18.26
N SER D 89 44.50 40.83 -17.70
CA SER D 89 44.75 40.17 -16.43
C SER D 89 44.34 38.73 -16.50
N PRO D 90 44.93 37.88 -15.64
CA PRO D 90 44.61 36.45 -15.62
C PRO D 90 43.24 36.15 -15.02
N HIS D 91 42.71 37.14 -14.30
CA HIS D 91 41.49 36.99 -13.50
C HIS D 91 40.58 38.20 -13.72
N LEU D 92 39.46 38.25 -13.00
CA LEU D 92 38.63 39.42 -13.05
C LEU D 92 38.86 40.22 -11.79
N ASP D 93 39.24 41.49 -11.94
CA ASP D 93 39.35 42.44 -10.86
C ASP D 93 38.42 43.62 -11.17
N GLU D 94 37.34 43.78 -10.41
CA GLU D 94 36.43 44.92 -10.60
C GLU D 94 37.08 46.29 -10.46
N GLU D 95 38.13 46.39 -9.64
CA GLU D 95 38.78 47.66 -9.40
C GLU D 95 39.62 48.04 -10.61
N ILE D 96 40.27 47.04 -11.21
CA ILE D 96 41.02 47.29 -12.44
C ILE D 96 40.04 47.66 -13.54
N SER D 97 38.91 46.96 -13.59
CA SER D 97 37.86 47.32 -14.56
C SER D 97 37.44 48.77 -14.46
N GLN D 98 37.10 49.22 -13.25
CA GLN D 98 36.68 50.60 -13.02
C GLN D 98 37.76 51.63 -13.38
N PHE D 99 39.02 51.29 -13.08
CA PHE D 99 40.14 52.16 -13.43
C PHE D 99 40.30 52.37 -14.95
N CYS D 100 40.28 51.27 -15.71
CA CYS D 100 40.44 51.35 -17.16
C CYS D 100 39.28 52.05 -17.82
N LYS D 101 38.09 51.82 -17.27
CA LYS D 101 36.90 52.50 -17.78
C LYS D 101 37.06 54.00 -17.64
N GLU D 102 37.51 54.45 -16.47
CA GLU D 102 37.77 55.87 -16.17
C GLU D 102 38.80 56.48 -17.11
N LYS D 103 39.90 55.75 -17.34
CA LYS D 103 40.96 56.21 -18.21
C LYS D 103 40.65 56.04 -19.70
N GLY D 104 39.59 55.30 -20.02
CA GLY D 104 39.21 55.00 -21.41
C GLY D 104 40.19 54.07 -22.14
N VAL D 105 40.69 53.06 -21.43
CA VAL D 105 41.66 52.11 -21.98
C VAL D 105 40.98 50.74 -22.03
N PHE D 106 41.17 50.00 -23.11
CA PHE D 106 40.50 48.69 -23.23
C PHE D 106 41.07 47.74 -22.18
N TYR D 107 40.20 47.11 -21.40
CA TYR D 107 40.58 46.08 -20.42
C TYR D 107 39.96 44.74 -20.78
N MET D 108 40.77 43.69 -20.83
CA MET D 108 40.31 42.31 -21.07
C MET D 108 40.57 41.44 -19.84
N PRO D 109 39.57 41.26 -18.97
CA PRO D 109 39.78 40.38 -17.82
C PRO D 109 39.82 38.90 -18.21
N GLY D 110 40.45 38.11 -17.36
CA GLY D 110 40.53 36.65 -17.53
C GLY D 110 39.44 36.01 -16.74
N VAL D 111 38.86 34.97 -17.31
CA VAL D 111 37.68 34.32 -16.79
C VAL D 111 37.87 32.81 -17.04
N MET D 112 37.31 31.95 -16.19
CA MET D 112 37.34 30.49 -16.42
C MET D 112 35.97 29.83 -16.23
N THR D 113 35.01 30.61 -15.75
CA THR D 113 33.81 30.07 -15.17
C THR D 113 32.62 30.96 -15.63
N PRO D 114 31.45 30.37 -15.90
CA PRO D 114 30.32 31.26 -16.26
C PRO D 114 29.99 32.34 -15.21
N THR D 115 30.14 32.03 -13.91
CA THR D 115 29.90 33.07 -12.89
C THR D 115 30.90 34.24 -13.02
N GLU D 116 32.15 33.91 -13.25
CA GLU D 116 33.15 34.92 -13.50
C GLU D 116 32.77 35.73 -14.76
N LEU D 117 32.36 35.04 -15.81
CA LEU D 117 31.97 35.63 -17.09
C LEU D 117 30.84 36.64 -16.90
N VAL D 118 29.78 36.24 -16.19
CA VAL D 118 28.64 37.17 -15.97
C VAL D 118 29.02 38.38 -15.12
N LYS D 119 29.79 38.16 -14.04
CA LYS D 119 30.35 39.31 -13.30
C LYS D 119 31.08 40.27 -14.22
N ALA D 120 31.95 39.75 -15.08
CA ALA D 120 32.64 40.61 -16.05
C ALA D 120 31.68 41.37 -16.99
N MET D 121 30.62 40.69 -17.43
CA MET D 121 29.61 41.26 -18.33
C MET D 121 28.83 42.40 -17.71
N LYS D 122 28.44 42.23 -16.44
CA LYS D 122 27.81 43.32 -15.67
C LYS D 122 28.70 44.57 -15.59
N LEU D 123 30.01 44.39 -15.59
CA LEU D 123 30.91 45.54 -15.62
C LEU D 123 31.14 46.01 -17.04
N GLY D 124 30.44 45.42 -18.01
CA GLY D 124 30.45 45.93 -19.37
C GLY D 124 31.41 45.29 -20.35
N HIS D 125 31.99 44.14 -19.99
CA HIS D 125 32.94 43.45 -20.85
C HIS D 125 32.19 42.49 -21.73
N THR D 126 32.52 42.45 -23.02
CA THR D 126 31.99 41.36 -23.83
C THR D 126 33.13 40.57 -24.48
N ILE D 127 34.34 41.15 -24.44
CA ILE D 127 35.55 40.47 -24.93
C ILE D 127 36.39 40.01 -23.72
N LEU D 128 36.50 38.69 -23.56
CA LEU D 128 37.13 38.08 -22.39
C LEU D 128 38.31 37.18 -22.73
N LYS D 129 39.34 37.21 -21.89
CA LYS D 129 40.40 36.23 -21.92
C LYS D 129 39.87 34.99 -21.24
N LEU D 130 40.07 33.83 -21.88
CA LEU D 130 39.67 32.55 -21.34
C LEU D 130 40.94 31.85 -20.84
N PHE D 131 41.11 31.83 -19.53
CA PHE D 131 42.38 31.41 -18.97
C PHE D 131 42.14 30.51 -17.74
N PRO D 132 42.80 29.34 -17.67
CA PRO D 132 43.68 28.72 -18.69
C PRO D 132 42.96 27.97 -19.82
N GLY D 133 43.15 28.44 -21.05
CA GLY D 133 42.44 27.85 -22.18
C GLY D 133 42.54 26.32 -22.25
N GLU D 134 43.76 25.79 -22.08
CA GLU D 134 44.02 24.36 -22.26
C GLU D 134 43.23 23.48 -21.31
N VAL D 135 42.77 24.07 -20.19
CA VAL D 135 42.08 23.28 -19.18
C VAL D 135 40.63 23.11 -19.55
N VAL D 136 40.00 24.19 -20.01
CA VAL D 136 38.55 24.19 -20.27
C VAL D 136 38.22 23.78 -21.71
N GLY D 137 39.14 24.09 -22.63
CA GLY D 137 39.07 23.63 -24.01
C GLY D 137 38.09 24.41 -24.89
N PRO D 138 38.14 24.16 -26.20
CA PRO D 138 37.19 24.76 -27.15
C PRO D 138 35.73 24.44 -26.76
N GLN D 139 35.50 23.31 -26.09
CA GLN D 139 34.17 22.94 -25.55
C GLN D 139 33.54 24.05 -24.69
N PHE D 140 34.36 24.76 -23.93
CA PHE D 140 33.86 25.85 -23.09
C PHE D 140 33.34 26.98 -23.99
N VAL D 141 34.09 27.30 -25.04
CA VAL D 141 33.72 28.36 -25.96
C VAL D 141 32.40 27.99 -26.64
N LYS D 142 32.28 26.71 -27.00
CA LYS D 142 31.04 26.18 -27.62
C LYS D 142 29.83 26.25 -26.70
N ALA D 143 30.01 25.84 -25.45
CA ALA D 143 28.94 25.89 -24.48
C ALA D 143 28.45 27.31 -24.16
N MET D 144 29.31 28.32 -24.34
CA MET D 144 28.98 29.72 -23.99
C MET D 144 28.19 30.42 -25.10
N LYS D 145 28.22 29.86 -26.31
CA LYS D 145 27.53 30.49 -27.44
C LYS D 145 26.00 30.52 -27.22
N GLY D 146 25.43 29.45 -26.69
CA GLY D 146 24.00 29.42 -26.32
C GLY D 146 23.54 30.57 -25.42
N PRO D 147 23.96 30.56 -24.14
CA PRO D 147 23.55 31.61 -23.18
C PRO D 147 24.19 32.97 -23.35
N PHE D 148 25.38 33.03 -23.95
CA PHE D 148 26.09 34.31 -24.10
C PHE D 148 26.52 34.58 -25.57
N PRO D 149 25.54 34.74 -26.49
CA PRO D 149 25.89 34.90 -27.91
C PRO D 149 26.77 36.07 -28.24
N ASN D 150 26.73 37.13 -27.44
CA ASN D 150 27.48 38.36 -27.66
C ASN D 150 28.92 38.40 -27.10
N VAL D 151 29.34 37.33 -26.44
CA VAL D 151 30.63 37.30 -25.75
C VAL D 151 31.61 36.63 -26.69
N LYS D 152 32.81 37.23 -26.85
CA LYS D 152 33.88 36.67 -27.67
C LYS D 152 35.04 36.38 -26.73
N PHE D 153 35.78 35.31 -27.03
CA PHE D 153 36.87 34.88 -26.19
C PHE D 153 38.22 34.99 -26.84
N VAL D 154 39.25 35.20 -26.01
CA VAL D 154 40.62 35.10 -26.46
C VAL D 154 41.26 34.11 -25.51
N PRO D 155 41.28 32.82 -25.92
CA PRO D 155 41.88 31.80 -25.07
C PRO D 155 43.38 32.02 -24.94
N THR D 156 43.85 31.79 -23.71
CA THR D 156 45.28 31.90 -23.40
C THR D 156 45.59 30.79 -22.39
N GLY D 157 46.78 30.23 -22.50
CA GLY D 157 47.20 29.22 -21.54
C GLY D 157 47.27 27.91 -22.28
N GLY D 158 48.48 27.54 -22.65
CA GLY D 158 48.76 26.26 -23.31
C GLY D 158 48.37 26.24 -24.76
N VAL D 159 48.21 27.41 -25.38
CA VAL D 159 47.95 27.46 -26.84
C VAL D 159 49.26 27.21 -27.57
N ASN D 160 49.24 26.27 -28.52
CA ASN D 160 50.45 25.97 -29.29
C ASN D 160 50.11 25.70 -30.77
N LEU D 161 51.11 25.43 -31.61
CA LEU D 161 50.88 25.20 -33.05
C LEU D 161 49.93 24.02 -33.31
N ASP D 162 49.93 23.03 -32.42
CA ASP D 162 49.09 21.85 -32.60
C ASP D 162 47.61 22.08 -32.29
N ASN D 163 47.28 23.02 -31.41
CA ASN D 163 45.89 23.17 -31.00
C ASN D 163 45.25 24.46 -31.44
N VAL D 164 46.06 25.32 -32.02
CA VAL D 164 45.59 26.66 -32.38
C VAL D 164 44.40 26.68 -33.34
N CYS D 165 44.42 25.81 -34.35
CA CYS D 165 43.31 25.76 -35.30
C CYS D 165 42.03 25.27 -34.69
N GLU D 166 42.15 24.43 -33.66
CA GLU D 166 40.99 23.94 -32.96
C GLU D 166 40.25 25.06 -32.21
N TRP D 167 41.00 26.03 -31.70
CA TRP D 167 40.37 27.18 -31.05
C TRP D 167 39.54 28.04 -32.04
N PHE D 168 40.15 28.39 -33.15
CA PHE D 168 39.50 29.21 -34.19
C PHE D 168 38.29 28.51 -34.82
N LYS D 169 38.38 27.18 -34.91
CA LYS D 169 37.28 26.28 -35.31
C LYS D 169 36.05 26.48 -34.43
N ALA D 170 36.29 26.65 -33.12
CA ALA D 170 35.20 26.88 -32.16
C ALA D 170 34.66 28.32 -32.16
N GLY D 171 35.35 29.22 -32.86
CA GLY D 171 34.81 30.55 -33.09
C GLY D 171 35.38 31.69 -32.26
N VAL D 172 36.61 31.53 -31.76
CA VAL D 172 37.24 32.55 -30.92
C VAL D 172 37.64 33.79 -31.71
N LEU D 173 37.75 34.91 -31.01
CA LEU D 173 38.15 36.16 -31.64
C LEU D 173 39.63 36.11 -32.03
N ALA D 174 40.47 35.69 -31.09
CA ALA D 174 41.91 35.70 -31.26
C ALA D 174 42.44 34.73 -30.20
N VAL D 175 43.74 34.51 -30.21
CA VAL D 175 44.40 33.66 -29.21
C VAL D 175 45.62 34.40 -28.61
N GLY D 176 45.90 34.08 -27.34
CA GLY D 176 47.08 34.63 -26.64
C GLY D 176 48.04 33.46 -26.57
N VAL D 177 49.22 33.65 -27.13
CA VAL D 177 50.20 32.59 -27.15
C VAL D 177 51.42 33.02 -26.34
N GLY D 178 51.77 32.17 -25.37
CA GLY D 178 52.86 32.45 -24.45
C GLY D 178 54.08 31.65 -24.77
N SER D 179 54.35 30.63 -23.93
CA SER D 179 55.61 29.93 -23.96
C SER D 179 55.88 29.30 -25.34
N ALA D 180 54.83 28.81 -26.00
CA ALA D 180 55.03 28.17 -27.33
C ALA D 180 55.56 29.12 -28.40
N LEU D 181 55.35 30.42 -28.21
CA LEU D 181 55.83 31.45 -29.13
C LEU D 181 57.08 32.16 -28.59
N VAL D 182 57.04 32.52 -27.31
CA VAL D 182 58.00 33.46 -26.72
C VAL D 182 59.27 32.86 -26.09
N LYS D 183 59.23 31.58 -25.74
CA LYS D 183 60.38 30.91 -25.11
C LYS D 183 61.47 30.79 -26.16
N GLY D 184 62.74 30.83 -25.76
CA GLY D 184 63.86 30.64 -26.69
C GLY D 184 64.64 31.91 -26.96
N THR D 185 65.57 31.86 -27.92
CA THR D 185 66.37 33.04 -28.30
C THR D 185 65.50 33.86 -29.25
N PRO D 186 65.78 35.17 -29.41
CA PRO D 186 64.90 35.97 -30.27
C PRO D 186 64.85 35.52 -31.75
N ASP D 187 65.94 34.98 -32.28
CA ASP D 187 65.89 34.44 -33.65
C ASP D 187 64.88 33.27 -33.74
N GLU D 188 64.87 32.42 -32.72
CA GLU D 188 63.88 31.34 -32.61
C GLU D 188 62.47 31.89 -32.46
N VAL D 189 62.30 32.92 -31.64
CA VAL D 189 60.99 33.52 -31.47
C VAL D 189 60.43 34.10 -32.78
N ARG D 190 61.30 34.71 -33.55
CA ARG D 190 60.92 35.30 -34.83
C ARG D 190 60.40 34.21 -35.79
N GLU D 191 61.09 33.08 -35.84
CA GLU D 191 60.65 31.96 -36.69
C GLU D 191 59.36 31.30 -36.20
N LYS D 192 59.18 31.23 -34.88
CA LYS D 192 57.95 30.66 -34.33
C LYS D 192 56.78 31.59 -34.62
N ALA D 193 57.05 32.89 -34.55
CA ALA D 193 56.05 33.89 -34.89
C ALA D 193 55.56 33.66 -36.33
N LYS D 194 56.50 33.52 -37.26
CA LYS D 194 56.16 33.19 -38.65
C LYS D 194 55.28 31.95 -38.74
N ALA D 195 55.60 30.92 -37.95
CA ALA D 195 54.89 29.67 -38.00
C ALA D 195 53.46 29.79 -37.47
N PHE D 196 53.27 30.61 -36.44
CA PHE D 196 51.94 30.87 -35.91
C PHE D 196 51.01 31.66 -36.84
N VAL D 197 51.52 32.74 -37.42
CA VAL D 197 50.75 33.57 -38.34
C VAL D 197 50.34 32.75 -39.57
N GLU D 198 51.28 31.97 -40.10
CA GLU D 198 51.02 31.10 -41.24
C GLU D 198 49.92 30.09 -40.96
N LYS D 199 50.02 29.41 -39.81
CA LYS D 199 49.05 28.42 -39.36
C LYS D 199 47.66 29.03 -39.22
N ILE D 200 47.60 30.20 -38.58
CA ILE D 200 46.33 30.88 -38.37
C ILE D 200 45.68 31.36 -39.69
N ARG D 201 46.47 31.95 -40.57
CA ARG D 201 45.93 32.33 -41.88
C ARG D 201 45.29 31.12 -42.58
N GLY D 202 45.79 29.93 -42.25
CA GLY D 202 45.30 28.68 -42.81
C GLY D 202 43.91 28.29 -42.36
N CYS D 203 43.55 28.62 -41.12
CA CYS D 203 42.26 28.19 -40.59
C CYS D 203 41.27 29.28 -40.19
N THR D 204 41.47 30.50 -40.68
CA THR D 204 40.62 31.64 -40.33
C THR D 204 40.12 32.29 -41.59
N LYS E 2 56.39 25.93 9.82
CA LYS E 2 55.88 24.57 10.16
C LYS E 2 55.43 23.83 8.89
N MET E 3 54.22 24.11 8.41
CA MET E 3 53.60 23.29 7.38
C MET E 3 54.33 23.22 6.04
N GLU E 4 54.82 24.35 5.52
CA GLU E 4 55.52 24.28 4.22
C GLU E 4 56.68 23.29 4.20
N GLU E 5 57.51 23.32 5.25
CA GLU E 5 58.62 22.36 5.37
C GLU E 5 58.10 20.93 5.55
N LEU E 6 57.02 20.77 6.32
CA LEU E 6 56.41 19.46 6.49
C LEU E 6 55.94 18.89 5.16
N PHE E 7 55.22 19.71 4.39
CA PHE E 7 54.83 19.33 3.03
C PHE E 7 56.01 19.00 2.14
N LYS E 8 57.07 19.82 2.17
CA LYS E 8 58.21 19.57 1.30
C LYS E 8 58.80 18.18 1.61
N LYS E 9 58.92 17.90 2.90
CA LYS E 9 59.54 16.69 3.42
C LYS E 9 58.70 15.45 3.10
N HIS E 10 57.44 15.50 3.48
CA HIS E 10 56.56 14.33 3.41
C HIS E 10 55.90 14.15 2.06
N LYS E 11 55.50 15.26 1.46
CA LYS E 11 54.93 15.33 0.10
C LYS E 11 53.59 14.65 -0.12
N ILE E 12 53.00 14.06 0.90
CA ILE E 12 51.67 13.46 0.78
C ILE E 12 50.91 13.75 2.04
N VAL E 13 49.62 14.01 1.88
CA VAL E 13 48.69 14.11 3.02
C VAL E 13 47.57 13.10 2.82
N ALA E 14 47.24 12.32 3.84
CA ALA E 14 46.11 11.39 3.76
C ALA E 14 44.84 12.16 4.04
N VAL E 15 43.92 12.12 3.09
CA VAL E 15 42.65 12.79 3.20
C VAL E 15 41.67 11.71 3.67
N LEU E 16 41.37 11.74 4.96
CA LEU E 16 40.69 10.64 5.58
C LEU E 16 39.19 10.84 5.67
N ARG E 17 38.45 10.07 4.88
CA ARG E 17 36.99 10.03 4.99
C ARG E 17 36.59 8.67 5.54
N ALA E 18 35.56 8.66 6.36
CA ALA E 18 35.09 7.43 6.98
C ALA E 18 33.68 7.64 7.51
N ASN E 19 33.07 6.51 7.88
CA ASN E 19 31.69 6.45 8.29
C ASN E 19 31.51 6.45 9.79
N SER E 20 32.62 6.31 10.52
CA SER E 20 32.57 6.19 11.97
C SER E 20 33.88 6.54 12.68
N VAL E 21 33.77 6.92 13.95
CA VAL E 21 34.90 7.32 14.77
C VAL E 21 35.92 6.20 14.83
N GLU E 22 35.42 4.99 15.12
CA GLU E 22 36.22 3.76 15.21
C GLU E 22 37.01 3.56 13.92
N GLU E 23 36.31 3.61 12.80
CA GLU E 23 36.93 3.33 11.51
C GLU E 23 37.94 4.43 11.11
N ALA E 24 37.60 5.71 11.35
CA ALA E 24 38.62 6.80 11.17
C ALA E 24 39.91 6.58 11.94
N LYS E 25 39.79 6.26 13.23
CA LYS E 25 40.95 6.02 14.10
C LYS E 25 41.79 4.86 13.62
N GLU E 26 41.14 3.76 13.22
CA GLU E 26 41.85 2.62 12.66
C GLU E 26 42.60 3.01 11.38
N LYS E 27 41.91 3.74 10.51
CA LYS E 27 42.51 4.15 9.23
C LYS E 27 43.66 5.12 9.43
N ALA E 28 43.52 6.02 10.40
CA ALA E 28 44.62 6.95 10.73
C ALA E 28 45.84 6.20 11.23
N LEU E 29 45.61 5.19 12.08
CA LEU E 29 46.72 4.40 12.59
C LEU E 29 47.41 3.65 11.47
N ALA E 30 46.63 3.04 10.58
CA ALA E 30 47.19 2.26 9.45
C ALA E 30 48.06 3.10 8.52
N VAL E 31 47.52 4.25 8.14
CA VAL E 31 48.19 5.22 7.31
C VAL E 31 49.51 5.62 7.95
N PHE E 32 49.46 5.89 9.25
CA PHE E 32 50.67 6.28 9.96
C PHE E 32 51.73 5.18 10.01
N GLU E 33 51.26 3.97 10.32
CA GLU E 33 52.14 2.81 10.37
C GLU E 33 52.80 2.57 9.02
N GLY E 34 52.09 2.93 7.93
CA GLY E 34 52.61 2.82 6.58
C GLY E 34 53.50 3.96 6.09
N GLY E 35 53.85 4.91 6.96
CA GLY E 35 54.81 5.95 6.59
C GLY E 35 54.18 7.29 6.20
N VAL E 36 52.86 7.39 6.30
CA VAL E 36 52.20 8.67 6.02
C VAL E 36 51.96 9.43 7.30
N HIS E 37 52.77 10.49 7.50
CA HIS E 37 52.69 11.28 8.74
C HIS E 37 51.74 12.49 8.74
N LEU E 38 51.42 13.03 7.56
CA LEU E 38 50.42 14.10 7.49
C LEU E 38 49.01 13.55 7.32
N ILE E 39 48.19 13.70 8.33
CA ILE E 39 46.90 13.05 8.36
C ILE E 39 45.78 14.05 8.56
N GLU E 40 44.94 14.16 7.54
CA GLU E 40 43.85 15.14 7.53
C GLU E 40 42.55 14.41 7.84
N ILE E 41 42.01 14.61 9.05
CA ILE E 41 40.69 14.06 9.40
C ILE E 41 39.58 14.93 8.81
N THR E 42 38.83 14.42 7.85
CA THR E 42 37.80 15.26 7.22
C THR E 42 36.52 15.40 8.10
N PHE E 43 35.82 16.51 7.93
CA PHE E 43 34.58 16.75 8.68
C PHE E 43 33.34 16.05 8.16
N THR E 44 33.55 15.10 7.27
CA THR E 44 32.48 14.20 6.86
C THR E 44 32.54 12.93 7.74
N VAL E 45 33.61 12.79 8.51
CA VAL E 45 33.74 11.75 9.54
C VAL E 45 32.86 12.17 10.71
N PRO E 46 31.97 11.27 11.18
CA PRO E 46 31.16 11.74 12.30
C PRO E 46 32.04 11.98 13.50
N ASP E 47 31.70 13.01 14.28
CA ASP E 47 32.46 13.39 15.44
C ASP E 47 33.95 13.52 15.13
N ALA E 48 34.26 14.10 13.97
CA ALA E 48 35.66 14.28 13.50
C ALA E 48 36.56 14.89 14.56
N ASP E 49 36.04 15.82 15.35
CA ASP E 49 36.88 16.51 16.35
C ASP E 49 37.30 15.59 17.51
N THR E 50 36.42 14.65 17.85
CA THR E 50 36.72 13.60 18.81
C THR E 50 37.80 12.68 18.23
N VAL E 51 37.75 12.41 16.94
CA VAL E 51 38.81 11.64 16.28
C VAL E 51 40.17 12.34 16.38
N ILE E 52 40.19 13.64 16.08
CA ILE E 52 41.42 14.44 16.14
C ILE E 52 42.02 14.42 17.54
N LYS E 53 41.18 14.64 18.54
CA LYS E 53 41.60 14.59 19.92
C LYS E 53 42.15 13.22 20.30
N GLU E 54 41.47 12.14 19.90
CA GLU E 54 41.91 10.81 20.30
C GLU E 54 43.19 10.35 19.59
N LEU E 55 43.53 11.00 18.49
CA LEU E 55 44.76 10.65 17.79
C LEU E 55 45.98 11.42 18.28
N SER E 56 45.79 12.20 19.34
CA SER E 56 46.84 13.04 19.93
C SER E 56 48.09 12.22 20.25
N PHE E 57 47.90 10.96 20.64
CA PHE E 57 49.03 10.10 20.96
C PHE E 57 49.96 9.89 19.76
N LEU E 58 49.41 9.95 18.55
CA LEU E 58 50.25 9.83 17.34
C LEU E 58 51.20 11.01 17.14
N LYS E 59 50.83 12.15 17.71
CA LYS E 59 51.69 13.33 17.62
C LYS E 59 53.09 13.14 18.22
N GLU E 60 53.20 12.46 19.36
CA GLU E 60 54.52 12.26 19.96
C GLU E 60 55.37 11.21 19.23
N LYS E 61 54.71 10.43 18.36
CA LYS E 61 55.41 9.55 17.44
C LYS E 61 55.75 10.29 16.16
N GLY E 62 55.27 11.53 16.06
CA GLY E 62 55.65 12.41 14.97
C GLY E 62 54.61 12.58 13.87
N ALA E 63 53.36 12.20 14.15
CA ALA E 63 52.28 12.46 13.20
C ALA E 63 51.89 13.93 13.28
N ILE E 64 51.40 14.44 12.16
CA ILE E 64 50.85 15.79 12.13
C ILE E 64 49.38 15.60 11.75
N ILE E 65 48.48 15.89 12.68
CA ILE E 65 47.06 15.64 12.49
C ILE E 65 46.32 16.96 12.25
N GLY E 66 45.62 17.05 11.12
CA GLY E 66 44.86 18.26 10.82
C GLY E 66 43.42 17.89 10.54
N ALA E 67 42.66 18.89 10.10
CA ALA E 67 41.23 18.69 9.76
C ALA E 67 41.03 19.10 8.31
N GLY E 68 40.12 18.41 7.61
CA GLY E 68 39.73 18.81 6.26
C GLY E 68 38.22 18.87 6.10
N THR E 69 37.80 19.22 4.90
CA THR E 69 36.36 19.47 4.60
C THR E 69 35.76 20.41 5.65
N VAL E 70 36.54 21.38 6.08
CA VAL E 70 36.08 22.45 6.95
C VAL E 70 35.31 23.48 6.08
N THR E 71 34.01 23.62 6.35
CA THR E 71 33.13 24.51 5.56
C THR E 71 32.50 25.66 6.36
N SER E 72 32.80 25.71 7.66
CA SER E 72 32.34 26.79 8.52
C SER E 72 33.35 27.07 9.63
N VAL E 73 33.37 28.30 10.12
CA VAL E 73 34.22 28.70 11.23
C VAL E 73 33.95 27.83 12.46
N GLU E 74 32.67 27.48 12.67
CA GLU E 74 32.27 26.57 13.75
C GLU E 74 33.00 25.21 13.72
N GLN E 75 33.02 24.56 12.55
CA GLN E 75 33.80 23.35 12.35
C GLN E 75 35.28 23.60 12.62
N CYS E 76 35.79 24.71 12.10
CA CYS E 76 37.17 25.10 12.30
C CYS E 76 37.52 25.30 13.77
N ARG E 77 36.62 25.92 14.53
CA ARG E 77 36.89 26.20 15.94
C ARG E 77 37.02 24.87 16.68
N LYS E 78 36.09 23.96 16.43
CA LYS E 78 36.13 22.64 17.05
C LYS E 78 37.39 21.84 16.69
N ALA E 79 37.79 21.89 15.42
CA ALA E 79 39.04 21.27 14.97
C ALA E 79 40.23 21.82 15.73
N VAL E 80 40.34 23.16 15.80
CA VAL E 80 41.46 23.79 16.49
C VAL E 80 41.51 23.46 17.98
N GLU E 81 40.36 23.56 18.63
CA GLU E 81 40.22 23.17 20.05
C GLU E 81 40.64 21.73 20.36
N SER E 82 40.41 20.83 19.43
CA SER E 82 40.77 19.41 19.56
C SER E 82 42.21 19.09 19.18
N GLY E 83 42.93 20.09 18.70
CA GLY E 83 44.35 19.94 18.41
C GLY E 83 44.77 19.81 16.96
N ALA E 84 43.89 20.14 16.02
CA ALA E 84 44.29 20.11 14.60
C ALA E 84 45.45 21.07 14.40
N GLU E 85 46.45 20.64 13.63
CA GLU E 85 47.67 21.42 13.41
C GLU E 85 47.63 22.14 12.08
N PHE E 86 46.61 21.85 11.30
CA PHE E 86 46.38 22.52 10.02
C PHE E 86 44.92 22.28 9.69
N ILE E 87 44.40 23.15 8.82
CA ILE E 87 43.00 23.13 8.40
C ILE E 87 42.99 23.19 6.88
N VAL E 88 42.16 22.35 6.27
CA VAL E 88 42.06 22.28 4.83
C VAL E 88 40.57 22.41 4.47
N SER E 89 40.28 23.05 3.36
CA SER E 89 38.90 23.10 2.85
C SER E 89 38.88 22.84 1.33
N PRO E 90 37.73 22.39 0.80
CA PRO E 90 37.64 22.13 -0.63
C PRO E 90 37.60 23.42 -1.47
N HIS E 91 37.26 24.52 -0.82
CA HIS E 91 36.95 25.79 -1.47
C HIS E 91 37.77 26.86 -0.78
N LEU E 92 37.62 28.11 -1.25
CA LEU E 92 38.26 29.24 -0.63
C LEU E 92 37.25 29.96 0.26
N ASP E 93 37.50 29.94 1.55
CA ASP E 93 36.55 30.49 2.51
C ASP E 93 37.19 31.70 3.21
N GLU E 94 36.72 32.92 2.93
CA GLU E 94 37.27 34.13 3.55
C GLU E 94 37.10 34.15 5.08
N GLU E 95 36.02 33.58 5.59
CA GLU E 95 35.78 33.57 7.04
C GLU E 95 36.71 32.62 7.81
N ILE E 96 36.97 31.47 7.23
CA ILE E 96 37.89 30.53 7.82
C ILE E 96 39.30 31.11 7.73
N SER E 97 39.63 31.74 6.60
CA SER E 97 40.95 32.34 6.44
C SER E 97 41.23 33.35 7.57
N GLN E 98 40.25 34.21 7.79
CA GLN E 98 40.37 35.21 8.84
C GLN E 98 40.45 34.55 10.25
N PHE E 99 39.66 33.50 10.49
CA PHE E 99 39.67 32.80 11.77
C PHE E 99 41.02 32.16 12.04
N CYS E 100 41.52 31.43 11.05
CA CYS E 100 42.84 30.83 11.13
C CYS E 100 43.95 31.85 11.31
N LYS E 101 43.86 32.96 10.58
CA LYS E 101 44.77 34.08 10.75
C LYS E 101 44.77 34.46 12.24
N GLU E 102 43.62 34.84 12.79
CA GLU E 102 43.59 35.25 14.20
C GLU E 102 44.06 34.17 15.19
N LYS E 103 43.93 32.90 14.84
CA LYS E 103 44.31 31.80 15.75
C LYS E 103 45.74 31.30 15.58
N GLY E 104 46.42 31.78 14.53
CA GLY E 104 47.78 31.32 14.22
C GLY E 104 47.81 29.87 13.78
N VAL E 105 46.77 29.45 13.08
CA VAL E 105 46.72 28.10 12.53
C VAL E 105 46.89 28.13 11.01
N PHE E 106 47.65 27.16 10.50
CA PHE E 106 47.83 27.08 9.06
C PHE E 106 46.54 26.65 8.36
N TYR E 107 46.15 27.41 7.34
CA TYR E 107 44.98 27.14 6.53
C TYR E 107 45.33 26.97 5.07
N MET E 108 44.90 25.87 4.47
CA MET E 108 45.11 25.61 3.06
C MET E 108 43.74 25.57 2.38
N PRO E 109 43.36 26.68 1.74
CA PRO E 109 42.11 26.68 1.03
C PRO E 109 42.24 25.92 -0.29
N GLY E 110 41.11 25.49 -0.82
CA GLY E 110 41.09 24.84 -2.15
C GLY E 110 40.67 25.84 -3.20
N VAL E 111 41.36 25.83 -4.35
CA VAL E 111 40.99 26.62 -5.51
C VAL E 111 40.92 25.76 -6.76
N MET E 112 40.23 26.31 -7.77
CA MET E 112 40.10 25.68 -9.04
C MET E 112 40.26 26.67 -10.20
N THR E 113 40.33 27.98 -9.93
CA THR E 113 40.41 28.99 -11.00
C THR E 113 41.40 30.07 -10.66
N PRO E 114 41.96 30.74 -11.69
CA PRO E 114 42.85 31.88 -11.46
C PRO E 114 42.25 32.98 -10.59
N THR E 115 40.95 33.23 -10.70
CA THR E 115 40.34 34.32 -9.90
C THR E 115 40.28 33.94 -8.42
N GLU E 116 39.96 32.68 -8.15
CA GLU E 116 40.04 32.12 -6.81
C GLU E 116 41.49 32.14 -6.28
N LEU E 117 42.43 31.74 -7.11
CA LEU E 117 43.84 31.77 -6.72
C LEU E 117 44.27 33.18 -6.34
N VAL E 118 43.90 34.15 -7.16
CA VAL E 118 44.31 35.53 -6.85
C VAL E 118 43.73 36.01 -5.52
N LYS E 119 42.42 35.77 -5.31
CA LYS E 119 41.79 36.08 -4.04
C LYS E 119 42.51 35.42 -2.84
N ALA E 120 42.83 34.13 -2.95
CA ALA E 120 43.60 33.44 -1.93
C ALA E 120 44.94 34.13 -1.66
N MET E 121 45.67 34.47 -2.72
CA MET E 121 46.97 35.16 -2.53
C MET E 121 46.80 36.51 -1.81
N LYS E 122 45.70 37.20 -2.08
CA LYS E 122 45.41 38.47 -1.37
C LYS E 122 45.01 38.24 0.09
N LEU E 123 44.54 37.04 0.40
CA LEU E 123 44.27 36.66 1.77
C LEU E 123 45.52 36.10 2.46
N GLY E 124 46.64 36.11 1.74
CA GLY E 124 47.95 35.75 2.28
C GLY E 124 48.40 34.30 2.03
N HIS E 125 47.68 33.58 1.18
CA HIS E 125 47.94 32.16 0.95
C HIS E 125 48.81 31.94 -0.27
N THR E 126 49.87 31.14 -0.12
CA THR E 126 50.68 30.78 -1.28
C THR E 126 50.76 29.27 -1.51
N ILE E 127 50.30 28.48 -0.55
CA ILE E 127 50.14 27.02 -0.70
C ILE E 127 48.66 26.72 -0.79
N LEU E 128 48.26 26.16 -1.93
CA LEU E 128 46.85 26.04 -2.27
C LEU E 128 46.56 24.62 -2.62
N LYS E 129 45.49 24.07 -2.04
CA LYS E 129 44.92 22.83 -2.47
C LYS E 129 44.32 23.07 -3.86
N LEU E 130 44.62 22.20 -4.80
CA LEU E 130 44.04 22.31 -6.14
C LEU E 130 43.00 21.21 -6.20
N PHE E 131 41.72 21.59 -6.19
CA PHE E 131 40.65 20.65 -6.06
C PHE E 131 39.45 21.04 -6.95
N PRO E 132 38.94 20.10 -7.77
CA PRO E 132 39.42 18.71 -7.89
C PRO E 132 40.53 18.53 -8.95
N GLY E 133 41.65 17.94 -8.52
CA GLY E 133 42.81 17.72 -9.37
C GLY E 133 42.49 16.92 -10.62
N GLU E 134 41.68 15.87 -10.48
CA GLU E 134 41.22 15.05 -11.60
C GLU E 134 40.46 15.86 -12.69
N VAL E 135 39.92 17.01 -12.32
CA VAL E 135 39.18 17.83 -13.30
C VAL E 135 40.10 18.74 -14.06
N VAL E 136 40.95 19.46 -13.35
CA VAL E 136 41.80 20.46 -13.97
C VAL E 136 43.15 19.92 -14.53
N GLY E 137 43.76 18.98 -13.81
CA GLY E 137 44.96 18.28 -14.31
C GLY E 137 46.30 18.99 -14.10
N PRO E 138 47.42 18.28 -14.36
CA PRO E 138 48.72 18.93 -14.34
C PRO E 138 48.82 20.08 -15.32
N GLN E 139 47.98 20.10 -16.35
CA GLN E 139 47.93 21.20 -17.32
C GLN E 139 47.59 22.54 -16.61
N PHE E 140 46.75 22.48 -15.58
CA PHE E 140 46.42 23.69 -14.81
C PHE E 140 47.65 24.22 -14.10
N VAL E 141 48.32 23.33 -13.38
CA VAL E 141 49.58 23.67 -12.71
C VAL E 141 50.59 24.30 -13.65
N LYS E 142 50.78 23.69 -14.81
CA LYS E 142 51.69 24.23 -15.81
C LYS E 142 51.26 25.61 -16.34
N ALA E 143 49.96 25.78 -16.56
CA ALA E 143 49.45 27.05 -17.05
C ALA E 143 49.66 28.18 -16.01
N MET E 144 49.64 27.83 -14.73
CA MET E 144 49.79 28.84 -13.68
C MET E 144 51.25 29.31 -13.53
N LYS E 145 52.20 28.53 -14.05
CA LYS E 145 53.62 28.91 -13.86
C LYS E 145 53.94 30.22 -14.54
N GLY E 146 53.20 30.56 -15.58
CA GLY E 146 53.52 31.80 -16.31
C GLY E 146 53.21 33.02 -15.43
N PRO E 147 51.94 33.22 -15.10
CA PRO E 147 51.54 34.37 -14.28
C PRO E 147 51.86 34.28 -12.78
N PHE E 148 51.90 33.05 -12.24
CA PHE E 148 51.98 32.80 -10.80
C PHE E 148 53.04 31.74 -10.50
N PRO E 149 54.30 31.99 -10.84
CA PRO E 149 55.28 30.90 -10.66
C PRO E 149 55.60 30.54 -9.20
N ASN E 150 55.12 31.32 -8.24
CA ASN E 150 55.55 31.10 -6.85
C ASN E 150 54.49 30.42 -6.01
N VAL E 151 53.32 30.19 -6.59
CA VAL E 151 52.25 29.53 -5.89
C VAL E 151 52.60 28.03 -5.85
N LYS E 152 52.34 27.41 -4.71
CA LYS E 152 52.67 26.01 -4.48
C LYS E 152 51.39 25.20 -4.32
N PHE E 153 51.18 24.24 -5.20
CA PHE E 153 49.89 23.54 -5.23
C PHE E 153 50.00 22.19 -4.56
N VAL E 154 48.88 21.75 -4.01
CA VAL E 154 48.70 20.42 -3.43
C VAL E 154 47.45 19.83 -4.07
N PRO E 155 47.61 19.19 -5.22
CA PRO E 155 46.42 18.62 -5.85
C PRO E 155 45.76 17.53 -5.01
N THR E 156 44.44 17.59 -5.00
CA THR E 156 43.59 16.65 -4.29
C THR E 156 42.40 16.32 -5.19
N GLY E 157 41.96 15.07 -5.17
CA GLY E 157 40.86 14.65 -6.03
C GLY E 157 41.46 13.75 -7.09
N GLY E 158 41.27 12.43 -6.91
CA GLY E 158 41.63 11.44 -7.91
C GLY E 158 43.12 11.17 -8.07
N VAL E 159 43.95 11.64 -7.13
CA VAL E 159 45.38 11.28 -7.12
C VAL E 159 45.47 9.79 -6.73
N ASN E 160 46.27 9.06 -7.47
CA ASN E 160 46.44 7.62 -7.26
C ASN E 160 47.86 7.21 -7.67
N LEU E 161 48.22 5.95 -7.47
CA LEU E 161 49.60 5.50 -7.74
C LEU E 161 49.96 5.65 -9.21
N ASP E 162 48.94 5.68 -10.06
CA ASP E 162 49.15 5.73 -11.50
C ASP E 162 49.36 7.14 -12.03
N ASN E 163 48.91 8.16 -11.29
CA ASN E 163 49.12 9.54 -11.77
C ASN E 163 49.98 10.42 -10.89
N VAL E 164 50.25 9.98 -9.66
CA VAL E 164 51.07 10.77 -8.71
C VAL E 164 52.39 11.30 -9.28
N CYS E 165 53.13 10.47 -10.03
CA CYS E 165 54.40 10.93 -10.54
C CYS E 165 54.27 12.01 -11.62
N GLU E 166 53.15 12.00 -12.38
CA GLU E 166 52.91 13.08 -13.35
C GLU E 166 52.59 14.40 -12.65
N TRP E 167 51.85 14.33 -11.55
CA TRP E 167 51.66 15.51 -10.71
C TRP E 167 52.98 16.17 -10.23
N PHE E 168 53.87 15.38 -9.63
CA PHE E 168 55.16 15.89 -9.23
C PHE E 168 56.02 16.43 -10.38
N LYS E 169 55.97 15.78 -11.53
CA LYS E 169 56.72 16.25 -12.71
C LYS E 169 56.24 17.66 -13.14
N ALA E 170 54.96 17.97 -12.92
CA ALA E 170 54.37 19.29 -13.22
C ALA E 170 54.78 20.38 -12.22
N GLY E 171 55.41 20.02 -11.11
CA GLY E 171 55.94 21.02 -10.19
C GLY E 171 55.05 21.32 -8.99
N VAL E 172 54.43 20.27 -8.47
CA VAL E 172 53.56 20.33 -7.29
C VAL E 172 54.37 20.18 -5.99
N LEU E 173 53.91 20.79 -4.89
CA LEU E 173 54.57 20.70 -3.59
C LEU E 173 54.35 19.32 -2.92
N ALA E 174 53.10 18.87 -2.95
CA ALA E 174 52.63 17.68 -2.24
C ALA E 174 51.35 17.24 -2.91
N VAL E 175 50.81 16.09 -2.49
CA VAL E 175 49.52 15.63 -3.01
C VAL E 175 48.64 15.21 -1.85
N GLY E 176 47.34 15.46 -1.95
CA GLY E 176 46.38 14.95 -1.00
C GLY E 176 45.79 13.69 -1.61
N VAL E 177 45.82 12.58 -0.86
CA VAL E 177 45.30 11.30 -1.38
C VAL E 177 44.21 10.78 -0.46
N GLY E 178 43.06 10.51 -1.04
CA GLY E 178 41.91 10.09 -0.25
C GLY E 178 41.61 8.64 -0.58
N SER E 179 40.65 8.43 -1.46
CA SER E 179 40.08 7.11 -1.64
C SER E 179 41.09 6.07 -2.13
N ALA E 180 42.10 6.48 -2.91
CA ALA E 180 43.15 5.54 -3.35
C ALA E 180 44.07 5.13 -2.21
N LEU E 181 44.03 5.88 -1.12
CA LEU E 181 44.85 5.56 0.03
C LEU E 181 44.05 4.90 1.15
N VAL E 182 42.88 5.45 1.48
CA VAL E 182 42.26 5.20 2.79
C VAL E 182 41.11 4.20 2.78
N LYS E 183 40.65 3.86 1.57
CA LYS E 183 39.56 2.92 1.41
C LYS E 183 40.04 1.50 1.62
N GLY E 184 39.17 0.70 2.21
CA GLY E 184 39.46 -0.72 2.41
C GLY E 184 39.71 -1.03 3.87
N THR E 185 40.29 -2.19 4.13
CA THR E 185 40.61 -2.60 5.50
C THR E 185 41.88 -1.92 6.00
N PRO E 186 42.02 -1.76 7.34
CA PRO E 186 43.25 -1.23 7.90
C PRO E 186 44.48 -1.89 7.27
N ASP E 187 44.44 -3.20 7.08
CA ASP E 187 45.59 -3.91 6.50
C ASP E 187 45.91 -3.47 5.08
N GLU E 188 44.89 -3.36 4.23
CA GLU E 188 45.16 -2.86 2.88
C GLU E 188 45.58 -1.40 2.88
N VAL E 189 44.97 -0.59 3.75
CA VAL E 189 45.31 0.85 3.82
C VAL E 189 46.76 1.01 4.20
N ARG E 190 47.20 0.29 5.24
CA ARG E 190 48.61 0.29 5.64
C ARG E 190 49.54 -0.03 4.47
N GLU E 191 49.16 -1.03 3.67
CA GLU E 191 49.95 -1.39 2.48
C GLU E 191 49.93 -0.32 1.37
N LYS E 192 48.75 0.23 1.08
CA LYS E 192 48.69 1.32 0.10
C LYS E 192 49.52 2.54 0.53
N ALA E 193 49.53 2.83 1.82
CA ALA E 193 50.39 3.89 2.37
C ALA E 193 51.86 3.69 2.04
N LYS E 194 52.38 2.50 2.28
CA LYS E 194 53.78 2.22 1.95
C LYS E 194 53.98 2.36 0.43
N ALA E 195 52.99 1.94 -0.36
CA ALA E 195 53.12 1.98 -1.84
C ALA E 195 53.29 3.45 -2.28
N PHE E 196 52.49 4.32 -1.66
CA PHE E 196 52.51 5.74 -2.04
C PHE E 196 53.83 6.37 -1.64
N VAL E 197 54.29 6.09 -0.43
CA VAL E 197 55.54 6.70 0.05
C VAL E 197 56.72 6.30 -0.81
N GLU E 198 56.82 5.01 -1.09
CA GLU E 198 57.87 4.47 -1.98
C GLU E 198 57.79 4.99 -3.43
N LYS E 199 56.58 5.12 -3.96
CA LYS E 199 56.44 5.69 -5.31
C LYS E 199 56.93 7.13 -5.35
N ILE E 200 56.47 7.95 -4.42
CA ILE E 200 56.84 9.37 -4.38
C ILE E 200 58.36 9.61 -4.22
N ARG E 201 59.00 8.82 -3.36
CA ARG E 201 60.45 8.84 -3.18
C ARG E 201 61.18 8.43 -4.46
N GLY E 202 60.64 7.41 -5.12
CA GLY E 202 61.18 6.94 -6.40
C GLY E 202 61.12 8.01 -7.48
N CYS E 203 60.23 8.99 -7.34
CA CYS E 203 60.12 10.03 -8.37
C CYS E 203 60.25 11.46 -7.84
N MET F 3 10.17 20.74 -6.74
CA MET F 3 10.98 20.62 -8.00
C MET F 3 11.96 19.48 -7.95
N GLU F 4 12.53 19.21 -6.78
CA GLU F 4 13.40 18.06 -6.61
C GLU F 4 12.71 16.79 -7.10
N GLU F 5 11.43 16.64 -6.77
CA GLU F 5 10.72 15.41 -7.13
C GLU F 5 10.35 15.38 -8.61
N LEU F 6 10.00 16.52 -9.18
CA LEU F 6 9.81 16.59 -10.63
C LEU F 6 11.08 16.17 -11.38
N PHE F 7 12.25 16.61 -10.92
CA PHE F 7 13.53 16.27 -11.54
C PHE F 7 13.82 14.77 -11.47
N LYS F 8 13.61 14.18 -10.30
CA LYS F 8 13.87 12.75 -10.08
C LYS F 8 12.95 11.85 -10.91
N LYS F 9 11.71 12.29 -11.06
CA LYS F 9 10.71 11.65 -11.92
C LYS F 9 11.01 11.83 -13.41
N HIS F 10 11.23 13.07 -13.85
CA HIS F 10 11.28 13.39 -15.28
C HIS F 10 12.68 13.26 -15.88
N LYS F 11 13.69 13.56 -15.07
CA LYS F 11 15.09 13.27 -15.38
C LYS F 11 15.75 14.13 -16.46
N ILE F 12 14.97 15.01 -17.11
CA ILE F 12 15.46 15.84 -18.22
C ILE F 12 14.70 17.17 -18.29
N VAL F 13 15.45 18.24 -18.59
CA VAL F 13 14.90 19.57 -18.86
C VAL F 13 15.30 20.02 -20.24
N ALA F 14 14.35 20.48 -21.02
CA ALA F 14 14.64 21.04 -22.32
C ALA F 14 15.09 22.48 -22.15
N VAL F 15 16.31 22.74 -22.58
CA VAL F 15 16.86 24.07 -22.48
C VAL F 15 16.54 24.70 -23.81
N LEU F 16 15.48 25.50 -23.83
CA LEU F 16 14.98 25.97 -25.11
C LEU F 16 15.60 27.31 -25.53
N ARG F 17 16.41 27.29 -26.59
CA ARG F 17 16.84 28.53 -27.22
C ARG F 17 16.24 28.60 -28.62
N ALA F 18 15.98 29.81 -29.10
CA ALA F 18 15.38 30.03 -30.42
C ALA F 18 15.64 31.45 -30.89
N ASN F 19 15.45 31.69 -32.18
CA ASN F 19 15.81 32.97 -32.77
C ASN F 19 14.61 33.87 -32.94
N SER F 20 13.43 33.24 -32.84
CA SER F 20 12.17 33.95 -32.94
C SER F 20 11.21 33.48 -31.87
N VAL F 21 10.15 34.24 -31.67
CA VAL F 21 9.12 33.91 -30.69
C VAL F 21 8.31 32.70 -31.16
N GLU F 22 8.14 32.61 -32.49
CA GLU F 22 7.32 31.53 -33.04
C GLU F 22 8.04 30.18 -32.95
N GLU F 23 9.29 30.17 -33.41
CA GLU F 23 10.21 29.02 -33.30
C GLU F 23 10.28 28.47 -31.86
N ALA F 24 10.31 29.37 -30.89
CA ALA F 24 10.35 28.96 -29.49
C ALA F 24 9.07 28.26 -29.06
N LYS F 25 7.92 28.82 -29.43
CA LYS F 25 6.66 28.19 -29.06
C LYS F 25 6.49 26.80 -29.70
N GLU F 26 6.89 26.67 -30.96
CA GLU F 26 6.74 25.44 -31.71
C GLU F 26 7.64 24.35 -31.17
N LYS F 27 8.86 24.74 -30.81
CA LYS F 27 9.78 23.81 -30.18
C LYS F 27 9.34 23.36 -28.77
N ALA F 28 8.77 24.26 -27.97
CA ALA F 28 8.21 23.84 -26.67
C ALA F 28 7.10 22.79 -26.84
N LEU F 29 6.22 23.02 -27.81
CA LEU F 29 5.17 22.06 -28.14
C LEU F 29 5.71 20.68 -28.51
N ALA F 30 6.73 20.68 -29.37
CA ALA F 30 7.30 19.44 -29.91
C ALA F 30 7.97 18.61 -28.79
N VAL F 31 8.85 19.26 -28.05
CA VAL F 31 9.43 18.70 -26.86
C VAL F 31 8.37 18.13 -25.89
N PHE F 32 7.32 18.91 -25.60
CA PHE F 32 6.24 18.39 -24.75
C PHE F 32 5.62 17.14 -25.39
N GLU F 33 5.29 17.23 -26.67
CA GLU F 33 4.65 16.10 -27.40
C GLU F 33 5.58 14.89 -27.39
N GLY F 34 6.89 15.14 -27.33
CA GLY F 34 7.88 14.06 -27.29
C GLY F 34 8.10 13.43 -25.93
N GLY F 35 7.53 14.01 -24.88
CA GLY F 35 7.61 13.40 -23.58
C GLY F 35 8.41 14.17 -22.55
N VAL F 36 8.93 15.33 -22.93
CA VAL F 36 9.69 16.18 -22.02
C VAL F 36 8.77 17.19 -21.34
N HIS F 37 8.50 16.99 -20.05
CA HIS F 37 7.59 17.83 -19.26
C HIS F 37 8.25 19.12 -18.73
N LEU F 38 9.56 19.08 -18.46
CA LEU F 38 10.24 20.26 -17.89
C LEU F 38 10.81 21.10 -19.01
N ILE F 39 10.31 22.34 -19.15
CA ILE F 39 10.72 23.17 -20.28
C ILE F 39 11.18 24.54 -19.81
N GLU F 40 12.41 24.87 -20.19
CA GLU F 40 13.07 26.07 -19.73
C GLU F 40 13.24 26.98 -20.92
N ILE F 41 12.45 28.05 -20.93
CA ILE F 41 12.50 29.07 -21.97
C ILE F 41 13.56 30.08 -21.57
N THR F 42 14.62 30.15 -22.36
CA THR F 42 15.76 30.96 -22.02
C THR F 42 15.56 32.38 -22.52
N PHE F 43 16.33 33.31 -21.95
CA PHE F 43 16.20 34.72 -22.22
C PHE F 43 17.10 35.16 -23.35
N THR F 44 17.63 34.18 -24.08
CA THR F 44 18.27 34.48 -25.36
C THR F 44 17.18 34.44 -26.45
N VAL F 45 16.02 33.89 -26.12
CA VAL F 45 14.84 33.91 -27.01
C VAL F 45 14.28 35.32 -27.07
N PRO F 46 14.19 35.90 -28.28
CA PRO F 46 13.71 37.27 -28.37
C PRO F 46 12.37 37.36 -27.67
N ASP F 47 12.22 38.41 -26.88
CA ASP F 47 11.00 38.67 -26.14
C ASP F 47 10.49 37.42 -25.42
N ALA F 48 11.37 36.81 -24.63
CA ALA F 48 11.10 35.55 -23.90
C ALA F 48 9.93 35.59 -22.93
N ASP F 49 9.64 36.75 -22.35
CA ASP F 49 8.40 36.93 -21.57
C ASP F 49 7.18 36.49 -22.36
N THR F 50 7.15 36.88 -23.62
CA THR F 50 6.00 36.62 -24.49
C THR F 50 5.81 35.13 -24.73
N VAL F 51 6.90 34.41 -24.99
CA VAL F 51 6.82 32.96 -25.16
C VAL F 51 6.28 32.27 -23.89
N ILE F 52 6.81 32.61 -22.72
CA ILE F 52 6.38 31.98 -21.46
C ILE F 52 4.88 32.13 -21.23
N LYS F 53 4.37 33.35 -21.44
CA LYS F 53 2.95 33.64 -21.28
C LYS F 53 2.14 32.80 -22.26
N GLU F 54 2.45 32.96 -23.55
CA GLU F 54 1.69 32.31 -24.63
C GLU F 54 1.72 30.79 -24.50
N LEU F 55 2.56 30.28 -23.61
CA LEU F 55 2.69 28.83 -23.36
C LEU F 55 1.91 28.34 -22.14
N SER F 56 1.19 29.25 -21.49
CA SER F 56 0.44 28.96 -20.26
C SER F 56 -0.41 27.69 -20.35
N PHE F 57 -1.11 27.53 -21.47
CA PHE F 57 -2.03 26.39 -21.67
C PHE F 57 -1.43 25.02 -21.38
N LEU F 58 -0.15 24.84 -21.74
CA LEU F 58 0.54 23.57 -21.51
C LEU F 58 0.59 23.18 -20.04
N LYS F 59 0.51 24.19 -19.18
CA LYS F 59 0.52 23.97 -17.74
C LYS F 59 -0.61 23.01 -17.35
N GLU F 60 -1.82 23.29 -17.85
CA GLU F 60 -3.01 22.44 -17.65
C GLU F 60 -2.72 20.97 -17.95
N LYS F 61 -1.88 20.72 -18.97
CA LYS F 61 -1.58 19.37 -19.46
C LYS F 61 -0.42 18.62 -18.76
N GLY F 62 0.11 19.21 -17.69
CA GLY F 62 1.10 18.52 -16.84
C GLY F 62 2.56 18.87 -17.09
N ALA F 63 2.81 19.99 -17.76
CA ALA F 63 4.16 20.44 -18.08
C ALA F 63 4.55 21.60 -17.17
N ILE F 64 5.85 21.79 -16.98
CA ILE F 64 6.35 22.84 -16.12
C ILE F 64 7.23 23.81 -16.91
N ILE F 65 6.78 25.05 -16.98
CA ILE F 65 7.38 26.10 -17.81
C ILE F 65 8.20 27.07 -16.96
N GLY F 66 9.50 27.13 -17.27
CA GLY F 66 10.43 27.95 -16.51
C GLY F 66 11.23 28.83 -17.42
N ALA F 67 12.21 29.53 -16.85
CA ALA F 67 12.96 30.50 -17.60
C ALA F 67 14.42 30.24 -17.33
N GLY F 68 15.25 30.49 -18.33
CA GLY F 68 16.69 30.23 -18.18
C GLY F 68 17.46 31.39 -18.71
N THR F 69 18.78 31.32 -18.53
CA THR F 69 19.68 32.41 -18.84
C THR F 69 19.16 33.72 -18.25
N VAL F 70 18.58 33.60 -17.06
CA VAL F 70 18.19 34.76 -16.26
C VAL F 70 19.43 35.36 -15.57
N THR F 71 19.79 36.58 -15.97
CA THR F 71 21.02 37.22 -15.51
C THR F 71 20.79 38.53 -14.74
N SER F 72 19.53 38.89 -14.50
CA SER F 72 19.20 39.98 -13.57
C SER F 72 17.91 39.71 -12.80
N VAL F 73 17.77 40.39 -11.65
CA VAL F 73 16.57 40.36 -10.83
C VAL F 73 15.37 40.89 -11.61
N GLU F 74 15.59 41.96 -12.37
CA GLU F 74 14.56 42.55 -13.21
C GLU F 74 13.98 41.58 -14.26
N GLN F 75 14.86 40.93 -15.03
CA GLN F 75 14.47 39.79 -15.86
C GLN F 75 13.73 38.72 -15.09
N CYS F 76 14.25 38.38 -13.91
CA CYS F 76 13.67 37.33 -13.06
C CYS F 76 12.25 37.66 -12.61
N ARG F 77 12.00 38.91 -12.23
CA ARG F 77 10.63 39.38 -11.92
C ARG F 77 9.73 39.31 -13.16
N LYS F 78 10.20 39.81 -14.30
CA LYS F 78 9.42 39.79 -15.53
C LYS F 78 9.04 38.36 -15.84
N ALA F 79 10.03 37.47 -15.76
CA ALA F 79 9.82 36.03 -15.96
C ALA F 79 8.72 35.44 -15.06
N VAL F 80 8.84 35.65 -13.76
CA VAL F 80 7.87 35.12 -12.80
C VAL F 80 6.49 35.78 -12.96
N GLU F 81 6.48 37.10 -13.23
CA GLU F 81 5.23 37.81 -13.53
C GLU F 81 4.56 37.30 -14.81
N SER F 82 5.37 36.81 -15.75
CA SER F 82 4.87 36.24 -16.99
C SER F 82 4.46 34.75 -16.90
N GLY F 83 4.71 34.12 -15.75
CA GLY F 83 4.27 32.73 -15.52
C GLY F 83 5.32 31.65 -15.25
N ALA F 84 6.61 32.00 -15.37
CA ALA F 84 7.73 31.05 -15.13
C ALA F 84 7.64 30.37 -13.77
N GLU F 85 7.67 29.04 -13.74
CA GLU F 85 7.53 28.28 -12.48
C GLU F 85 8.84 27.90 -11.77
N PHE F 86 9.96 28.17 -12.42
CA PHE F 86 11.29 27.91 -11.85
C PHE F 86 12.19 28.81 -12.63
N ILE F 87 13.33 29.16 -12.04
CA ILE F 87 14.27 30.07 -12.64
C ILE F 87 15.61 29.34 -12.72
N VAL F 88 16.29 29.46 -13.86
CA VAL F 88 17.62 28.89 -14.02
C VAL F 88 18.56 29.92 -14.56
N SER F 89 19.83 29.83 -14.13
CA SER F 89 20.83 30.75 -14.65
C SER F 89 22.10 29.94 -14.89
N PRO F 90 22.97 30.39 -15.81
CA PRO F 90 24.23 29.69 -16.03
C PRO F 90 25.23 29.89 -14.88
N HIS F 91 24.97 30.89 -14.05
CA HIS F 91 25.88 31.31 -13.00
C HIS F 91 25.19 31.27 -11.64
N LEU F 92 25.93 31.62 -10.61
CA LEU F 92 25.34 31.80 -9.32
C LEU F 92 25.13 33.30 -9.15
N ASP F 93 23.88 33.69 -9.07
CA ASP F 93 23.53 35.10 -8.86
C ASP F 93 22.95 35.23 -7.44
N GLU F 94 23.71 35.85 -6.55
CA GLU F 94 23.29 35.98 -5.16
C GLU F 94 22.02 36.84 -5.04
N GLU F 95 21.88 37.81 -5.95
CA GLU F 95 20.72 38.70 -5.96
C GLU F 95 19.44 37.96 -6.40
N ILE F 96 19.54 37.21 -7.50
CA ILE F 96 18.43 36.38 -8.00
C ILE F 96 18.01 35.36 -6.95
N SER F 97 19.00 34.77 -6.26
CA SER F 97 18.75 33.79 -5.23
C SER F 97 17.94 34.36 -4.07
N GLN F 98 18.31 35.55 -3.58
CA GLN F 98 17.52 36.20 -2.51
C GLN F 98 16.07 36.42 -2.95
N PHE F 99 15.92 37.15 -4.07
CA PHE F 99 14.61 37.39 -4.69
C PHE F 99 13.73 36.14 -4.84
N CYS F 100 14.31 35.02 -5.24
CA CYS F 100 13.53 33.80 -5.41
C CYS F 100 13.09 33.22 -4.06
N LYS F 101 13.97 33.27 -3.06
CA LYS F 101 13.60 32.89 -1.67
C LYS F 101 12.43 33.73 -1.18
N GLU F 102 12.55 35.06 -1.32
CA GLU F 102 11.52 36.00 -0.89
C GLU F 102 10.18 35.79 -1.63
N LYS F 103 10.24 35.61 -2.95
CA LYS F 103 9.01 35.37 -3.72
C LYS F 103 8.58 33.91 -3.76
N GLY F 104 9.35 33.05 -3.11
CA GLY F 104 8.96 31.63 -2.97
C GLY F 104 9.04 30.80 -4.25
N VAL F 105 9.87 31.22 -5.20
CA VAL F 105 10.08 30.46 -6.45
C VAL F 105 11.38 29.64 -6.46
N PHE F 106 11.35 28.45 -7.07
CA PHE F 106 12.54 27.60 -7.20
C PHE F 106 13.58 28.22 -8.13
N TYR F 107 14.80 28.39 -7.60
CA TYR F 107 15.95 28.88 -8.32
C TYR F 107 17.05 27.81 -8.34
N MET F 108 17.57 27.59 -9.54
CA MET F 108 18.64 26.62 -9.72
C MET F 108 19.80 27.36 -10.32
N PRO F 109 20.80 27.72 -9.50
CA PRO F 109 21.91 28.43 -10.08
C PRO F 109 22.89 27.45 -10.70
N GLY F 110 23.68 27.94 -11.66
CA GLY F 110 24.73 27.16 -12.26
C GLY F 110 26.03 27.41 -11.51
N VAL F 111 26.81 26.35 -11.37
CA VAL F 111 28.08 26.36 -10.64
C VAL F 111 29.10 25.60 -11.49
N MET F 112 30.39 25.84 -11.30
CA MET F 112 31.42 25.09 -12.01
C MET F 112 32.57 24.71 -11.10
N THR F 113 32.50 25.16 -9.84
CA THR F 113 33.62 25.20 -8.93
C THR F 113 33.21 24.86 -7.49
N PRO F 114 34.07 24.18 -6.71
CA PRO F 114 33.72 23.93 -5.31
C PRO F 114 33.42 25.23 -4.53
N THR F 115 34.11 26.32 -4.84
CA THR F 115 33.85 27.59 -4.13
C THR F 115 32.48 28.11 -4.51
N GLU F 116 32.12 28.05 -5.80
CA GLU F 116 30.80 28.46 -6.23
C GLU F 116 29.76 27.58 -5.59
N LEU F 117 30.05 26.27 -5.55
CA LEU F 117 29.18 25.27 -4.93
C LEU F 117 28.91 25.59 -3.46
N VAL F 118 29.96 25.89 -2.70
CA VAL F 118 29.77 26.18 -1.29
C VAL F 118 28.92 27.47 -1.08
N LYS F 119 29.19 28.51 -1.86
CA LYS F 119 28.46 29.78 -1.77
C LYS F 119 26.98 29.56 -2.05
N ALA F 120 26.70 28.73 -3.04
CA ALA F 120 25.32 28.37 -3.39
C ALA F 120 24.62 27.60 -2.24
N MET F 121 25.32 26.64 -1.65
CA MET F 121 24.77 25.89 -0.49
C MET F 121 24.52 26.79 0.73
N LYS F 122 25.42 27.73 0.98
CA LYS F 122 25.20 28.70 2.05
C LYS F 122 24.01 29.64 1.73
N LEU F 123 23.65 29.75 0.46
CA LEU F 123 22.47 30.53 0.07
C LEU F 123 21.22 29.65 0.14
N GLY F 124 21.42 28.40 0.50
CA GLY F 124 20.33 27.46 0.70
C GLY F 124 20.07 26.47 -0.42
N HIS F 125 20.99 26.35 -1.39
CA HIS F 125 20.73 25.46 -2.54
C HIS F 125 21.38 24.10 -2.39
N THR F 126 20.62 23.08 -2.72
CA THR F 126 21.11 21.72 -2.69
C THR F 126 21.06 21.09 -4.10
N ILE F 127 20.35 21.77 -5.00
CA ILE F 127 20.21 21.29 -6.36
C ILE F 127 20.83 22.34 -7.26
N LEU F 128 21.92 21.94 -7.92
CA LEU F 128 22.71 22.90 -8.69
C LEU F 128 22.81 22.48 -10.13
N LYS F 129 22.73 23.47 -11.01
CA LYS F 129 23.03 23.27 -12.41
C LYS F 129 24.56 23.17 -12.50
N LEU F 130 25.07 22.11 -13.14
CA LEU F 130 26.52 22.00 -13.35
C LEU F 130 26.83 22.44 -14.77
N PHE F 131 27.40 23.64 -14.93
CA PHE F 131 27.56 24.26 -16.25
C PHE F 131 28.88 24.96 -16.41
N PRO F 132 29.60 24.73 -17.54
CA PRO F 132 29.27 23.77 -18.61
C PRO F 132 29.67 22.33 -18.29
N GLY F 133 28.70 21.42 -18.37
CA GLY F 133 28.89 20.07 -17.89
C GLY F 133 30.04 19.36 -18.59
N GLU F 134 30.08 19.52 -19.91
CA GLU F 134 31.05 18.87 -20.77
C GLU F 134 32.49 19.20 -20.40
N VAL F 135 32.73 20.38 -19.85
CA VAL F 135 34.09 20.83 -19.53
C VAL F 135 34.61 20.11 -18.31
N VAL F 136 33.74 19.96 -17.34
CA VAL F 136 34.11 19.51 -16.00
C VAL F 136 33.85 17.98 -15.88
N GLY F 137 32.93 17.46 -16.68
CA GLY F 137 32.72 16.01 -16.77
C GLY F 137 32.06 15.36 -15.55
N PRO F 138 31.65 14.08 -15.72
CA PRO F 138 31.20 13.21 -14.64
C PRO F 138 32.22 13.05 -13.52
N GLN F 139 33.52 13.22 -13.81
CA GLN F 139 34.56 13.20 -12.78
C GLN F 139 34.28 14.28 -11.74
N PHE F 140 33.81 15.44 -12.18
CA PHE F 140 33.46 16.52 -11.23
C PHE F 140 32.37 16.06 -10.27
N VAL F 141 31.31 15.49 -10.83
CA VAL F 141 30.17 15.03 -10.02
C VAL F 141 30.68 14.05 -9.00
N LYS F 142 31.53 13.10 -9.43
CA LYS F 142 32.10 12.06 -8.57
C LYS F 142 32.97 12.64 -7.47
N ALA F 143 33.83 13.61 -7.83
CA ALA F 143 34.71 14.25 -6.88
C ALA F 143 33.96 14.95 -5.73
N MET F 144 32.78 15.49 -6.02
CA MET F 144 32.00 16.24 -5.03
C MET F 144 31.28 15.33 -4.03
N LYS F 145 31.12 14.05 -4.37
CA LYS F 145 30.39 13.13 -3.51
C LYS F 145 31.04 13.01 -2.13
N GLY F 146 32.37 12.96 -2.12
CA GLY F 146 33.16 12.88 -0.92
C GLY F 146 32.92 14.02 0.04
N PRO F 147 33.36 15.24 -0.32
CA PRO F 147 33.13 16.37 0.60
C PRO F 147 31.69 16.91 0.71
N PHE F 148 30.85 16.72 -0.31
CA PHE F 148 29.49 17.30 -0.37
C PHE F 148 28.45 16.23 -0.66
N PRO F 149 28.29 15.29 0.27
CA PRO F 149 27.51 14.07 0.02
C PRO F 149 26.02 14.34 -0.32
N ASN F 150 25.50 15.49 0.08
CA ASN F 150 24.08 15.82 -0.08
C ASN F 150 23.73 16.64 -1.35
N VAL F 151 24.74 17.17 -2.02
CA VAL F 151 24.51 17.99 -3.20
C VAL F 151 24.06 17.14 -4.38
N LYS F 152 23.13 17.68 -5.16
CA LYS F 152 22.58 17.02 -6.34
C LYS F 152 22.80 17.91 -7.54
N PHE F 153 23.19 17.30 -8.66
CA PHE F 153 23.56 18.06 -9.84
C PHE F 153 22.66 17.82 -11.02
N VAL F 154 22.42 18.89 -11.77
CA VAL F 154 21.78 18.85 -13.07
C VAL F 154 22.75 19.38 -14.16
N PRO F 155 23.59 18.50 -14.73
CA PRO F 155 24.56 18.98 -15.74
C PRO F 155 23.91 19.46 -17.05
N THR F 156 24.41 20.59 -17.55
CA THR F 156 23.89 21.25 -18.74
C THR F 156 25.11 21.78 -19.48
N GLY F 157 25.06 21.73 -20.81
CA GLY F 157 26.13 22.26 -21.65
C GLY F 157 26.77 21.05 -22.29
N GLY F 158 26.45 20.81 -23.56
CA GLY F 158 27.04 19.70 -24.30
C GLY F 158 26.51 18.32 -23.95
N VAL F 159 25.35 18.21 -23.29
CA VAL F 159 24.74 16.89 -23.05
C VAL F 159 24.11 16.38 -24.36
N ASN F 160 24.34 15.11 -24.67
CA ASN F 160 23.79 14.56 -25.91
C ASN F 160 23.52 13.07 -25.78
N LEU F 161 23.02 12.44 -26.84
CA LEU F 161 22.60 11.03 -26.74
C LEU F 161 23.81 10.14 -26.43
N ASP F 162 24.98 10.59 -26.86
CA ASP F 162 26.23 9.82 -26.75
C ASP F 162 26.79 9.81 -25.33
N ASN F 163 26.48 10.83 -24.55
CA ASN F 163 27.03 10.96 -23.19
C ASN F 163 26.02 11.01 -22.03
N VAL F 164 24.72 11.06 -22.33
CA VAL F 164 23.74 11.24 -21.25
C VAL F 164 23.77 10.10 -20.20
N CYS F 165 23.97 8.86 -20.64
CA CYS F 165 23.98 7.75 -19.71
C CYS F 165 25.18 7.77 -18.75
N GLU F 166 26.34 8.24 -19.22
CA GLU F 166 27.51 8.44 -18.35
C GLU F 166 27.18 9.44 -17.24
N TRP F 167 26.42 10.47 -17.60
CA TRP F 167 26.00 11.44 -16.60
C TRP F 167 25.18 10.77 -15.52
N PHE F 168 24.20 9.95 -15.91
CA PHE F 168 23.39 9.26 -14.90
C PHE F 168 24.18 8.23 -14.12
N LYS F 169 25.14 7.58 -14.74
CA LYS F 169 26.05 6.72 -13.97
C LYS F 169 26.79 7.45 -12.82
N ALA F 170 27.14 8.72 -13.05
CA ALA F 170 27.74 9.57 -12.02
C ALA F 170 26.80 9.94 -10.86
N GLY F 171 25.50 9.75 -11.02
CA GLY F 171 24.58 9.94 -9.91
C GLY F 171 23.86 11.28 -9.97
N VAL F 172 23.71 11.76 -11.18
CA VAL F 172 23.09 13.04 -11.40
C VAL F 172 21.56 12.93 -11.16
N LEU F 173 20.93 14.02 -10.71
CA LEU F 173 19.49 14.11 -10.51
C LEU F 173 18.76 14.14 -11.84
N ALA F 174 19.22 14.99 -12.76
CA ALA F 174 18.58 15.22 -14.06
C ALA F 174 19.61 15.81 -15.04
N VAL F 175 19.30 15.84 -16.33
CA VAL F 175 20.19 16.52 -17.28
C VAL F 175 19.45 17.65 -17.94
N GLY F 176 20.16 18.70 -18.30
CA GLY F 176 19.57 19.77 -19.11
C GLY F 176 20.07 19.60 -20.51
N VAL F 177 19.16 19.42 -21.47
CA VAL F 177 19.58 19.26 -22.82
C VAL F 177 19.20 20.45 -23.71
N GLY F 178 20.19 20.98 -24.43
CA GLY F 178 20.03 22.14 -25.29
C GLY F 178 20.11 21.81 -26.76
N SER F 179 21.21 22.19 -27.42
CA SER F 179 21.31 22.05 -28.89
C SER F 179 21.09 20.63 -29.40
N ALA F 180 21.52 19.60 -28.65
CA ALA F 180 21.27 18.22 -29.06
C ALA F 180 19.79 17.82 -29.15
N LEU F 181 18.93 18.57 -28.46
CA LEU F 181 17.50 18.27 -28.41
C LEU F 181 16.74 19.29 -29.25
N VAL F 182 17.10 20.55 -29.08
CA VAL F 182 16.29 21.70 -29.51
C VAL F 182 16.58 22.26 -30.93
N LYS F 183 17.75 21.96 -31.48
CA LYS F 183 18.08 22.35 -32.85
C LYS F 183 17.34 21.56 -33.95
N GLY F 184 16.96 22.27 -35.01
CA GLY F 184 16.29 21.69 -36.17
C GLY F 184 14.89 22.26 -36.35
N THR F 185 14.11 21.61 -37.20
CA THR F 185 12.70 21.91 -37.38
C THR F 185 11.94 21.33 -36.16
N PRO F 186 10.76 21.88 -35.83
CA PRO F 186 9.96 21.31 -34.74
C PRO F 186 9.70 19.80 -34.85
N ASP F 187 9.49 19.29 -36.07
CA ASP F 187 9.26 17.85 -36.29
C ASP F 187 10.46 17.01 -35.87
N GLU F 188 11.65 17.47 -36.19
CA GLU F 188 12.91 16.85 -35.77
C GLU F 188 13.07 16.91 -34.25
N VAL F 189 12.81 18.09 -33.67
CA VAL F 189 12.81 18.27 -32.23
C VAL F 189 11.92 17.26 -31.52
N ARG F 190 10.71 17.04 -32.03
CA ARG F 190 9.81 16.06 -31.42
C ARG F 190 10.46 14.68 -31.38
N GLU F 191 11.11 14.32 -32.47
CA GLU F 191 11.78 13.03 -32.61
C GLU F 191 12.94 12.88 -31.62
N LYS F 192 13.69 13.95 -31.42
CA LYS F 192 14.82 13.93 -30.47
C LYS F 192 14.32 13.77 -29.05
N ALA F 193 13.23 14.45 -28.71
CA ALA F 193 12.65 14.32 -27.37
C ALA F 193 12.32 12.86 -27.06
N LYS F 194 11.62 12.22 -27.98
CA LYS F 194 11.36 10.79 -27.93
C LYS F 194 12.62 9.97 -27.74
N ALA F 195 13.65 10.24 -28.55
CA ALA F 195 14.96 9.61 -28.42
C ALA F 195 15.60 9.78 -27.01
N PHE F 196 15.60 11.01 -26.48
CA PHE F 196 16.19 11.26 -25.15
C PHE F 196 15.44 10.57 -24.03
N VAL F 197 14.12 10.60 -24.10
CA VAL F 197 13.33 10.05 -23.02
C VAL F 197 13.51 8.54 -22.96
N GLU F 198 13.58 7.91 -24.13
CA GLU F 198 13.80 6.47 -24.14
C GLU F 198 15.22 6.09 -23.74
N LYS F 199 16.24 6.80 -24.25
CA LYS F 199 17.63 6.56 -23.84
C LYS F 199 17.80 6.67 -22.33
N ILE F 200 17.21 7.69 -21.73
CA ILE F 200 17.20 7.84 -20.27
C ILE F 200 16.47 6.69 -19.54
N ARG F 201 15.33 6.24 -20.04
CA ARG F 201 14.63 5.13 -19.39
C ARG F 201 15.46 3.86 -19.48
N GLY F 202 16.31 3.81 -20.50
CA GLY F 202 17.15 2.64 -20.77
C GLY F 202 18.61 2.76 -20.37
N CYS F 203 18.97 3.77 -19.57
CA CYS F 203 20.34 3.90 -19.08
C CYS F 203 20.62 2.83 -18.03
#